data_9FKP
#
_entry.id   9FKP
#
_cell.length_a   1.00
_cell.length_b   1.00
_cell.length_c   1.00
_cell.angle_alpha   90.00
_cell.angle_beta   90.00
_cell.angle_gamma   90.00
#
_symmetry.space_group_name_H-M   'P 1'
#
loop_
_entity.id
_entity.type
_entity.pdbx_description
1 polymer 'Transforming growth factor beta-1'
2 polymer 'TGF-beta receptor type-2'
3 polymer 'Transforming growth factor beta receptor III'
#
loop_
_entity_poly.entity_id
_entity_poly.type
_entity_poly.pdbx_seq_one_letter_code
_entity_poly.pdbx_strand_id
1 'polypeptide(L)'
;ALDTNYCFSSTEKNCCVRQLYIDFRKDLGWKWIHEPKGYHANFCLGPCPYIWSLDTQYSKVLALYNQHNPGASAAPCCVP
QALEPLPIVYYVGRKPKVEQLSNMIVRSCKCS
;
A,B
2 'polypeptide(L)'
;MNGAVKFPQLCKFCDVRFSTCDNQKSCMSNCSITSICEKPQEVCVAVWRKNDENITLETVCHDPKLPYHDFILEDAASPK
CIMKEKKKPGETFFMCSCSSDECNDNIIFSEEY
;
D,E
3 'polypeptide(L)'
;GSPCELLPVGVGHPVQAMLKSFTALSGCASRGTTSHPQEVHIINLRKGSAQGAREKTAEVALHLRPIQSLHVHQKPLVFI
LNSPQPILWKVRTEKLAPGVKRIFHVVEGSEVHFEVGNFSKSGEVKVETLPHGNEHLLNWAHHRYTAVTSFSELRMAHDI
YIKVGEDPVFSETCKIDNKFLSLNYLASYIEPQPSTGCVLSGPDHEQEVHIIELQAPNSSSAFQVDVIVDLRPLDGDIPL
HRDVVLLLKGEKSVNWVIKAHKVMGKLEIMTSDTVSLSEDTERLMQVSKTVKQKLPAGSQALIQWAEENGFNPVTSYTNT
PVANHFNLRLREHHHHHH
;
C
#
# COMPACT_ATOMS: atom_id res chain seq x y z
N ALA A 1 0.92 9.80 -16.39
CA ALA A 1 1.69 9.56 -17.65
C ALA A 1 0.79 9.74 -18.87
N LEU A 2 -0.50 9.44 -18.70
CA LEU A 2 -1.48 9.55 -19.79
C LEU A 2 -2.03 10.97 -19.79
N ASP A 3 -1.42 11.83 -20.60
CA ASP A 3 -1.85 13.22 -20.68
C ASP A 3 -3.17 13.31 -21.44
N THR A 4 -3.82 14.47 -21.33
CA THR A 4 -5.09 14.69 -22.01
C THR A 4 -4.92 14.61 -23.53
N ASN A 5 -3.82 15.17 -24.05
CA ASN A 5 -3.61 15.16 -25.49
C ASN A 5 -3.54 13.75 -26.05
N TYR A 6 -2.94 12.81 -25.32
CA TYR A 6 -2.78 11.46 -25.84
C TYR A 6 -4.12 10.82 -26.14
N CYS A 7 -5.09 10.99 -25.23
CA CYS A 7 -6.42 10.34 -25.41
C CYS A 7 -7.35 11.21 -26.26
N PHE A 8 -7.14 12.53 -26.31
CA PHE A 8 -7.97 13.37 -27.15
C PHE A 8 -7.60 13.21 -28.63
N SER A 9 -6.30 13.27 -28.95
CA SER A 9 -5.88 13.11 -30.33
C SER A 9 -6.21 11.71 -30.84
N SER A 10 -5.94 10.69 -30.03
CA SER A 10 -6.21 9.31 -30.40
C SER A 10 -7.11 8.67 -29.35
N THR A 11 -8.25 8.16 -29.79
CA THR A 11 -9.18 7.53 -28.86
C THR A 11 -8.61 6.21 -28.36
N GLU A 12 -8.63 6.02 -27.05
CA GLU A 12 -8.17 4.78 -26.42
C GLU A 12 -9.27 4.26 -25.50
N LYS A 13 -9.71 3.02 -25.74
CA LYS A 13 -10.76 2.46 -24.92
C LYS A 13 -10.31 2.16 -23.50
N ASN A 14 -9.00 2.17 -23.25
CA ASN A 14 -8.49 1.92 -21.91
C ASN A 14 -8.81 3.11 -21.00
N CYS A 15 -8.40 2.99 -19.74
CA CYS A 15 -8.58 4.07 -18.79
C CYS A 15 -7.97 5.36 -19.32
N CYS A 16 -8.83 6.32 -19.60
CA CYS A 16 -8.35 7.60 -20.15
C CYS A 16 -9.18 8.75 -19.59
N VAL A 17 -9.03 9.93 -20.16
CA VAL A 17 -9.70 11.14 -19.69
C VAL A 17 -10.68 11.58 -20.77
N ARG A 18 -11.93 11.77 -20.39
CA ARG A 18 -13.02 12.09 -21.32
C ARG A 18 -13.51 13.50 -21.07
N GLN A 19 -13.90 14.18 -22.15
CA GLN A 19 -14.35 15.56 -22.07
C GLN A 19 -15.64 15.65 -21.26
N LEU A 20 -15.75 16.72 -20.46
CA LEU A 20 -16.96 17.02 -19.72
C LEU A 20 -16.93 18.45 -19.21
N TYR A 21 -17.96 19.22 -19.52
CA TYR A 21 -18.03 20.64 -19.18
C TYR A 21 -18.90 20.82 -17.94
N ILE A 22 -18.38 21.53 -16.94
CA ILE A 22 -19.08 21.77 -15.69
C ILE A 22 -19.19 23.28 -15.49
N ASP A 23 -20.40 23.76 -15.26
CA ASP A 23 -20.65 25.17 -15.00
C ASP A 23 -20.93 25.38 -13.52
N PHE A 24 -20.29 26.41 -12.95
CA PHE A 24 -20.32 26.57 -11.50
C PHE A 24 -21.74 26.73 -10.97
N ARG A 25 -22.56 27.55 -11.63
CA ARG A 25 -23.87 27.86 -11.06
C ARG A 25 -24.83 26.68 -11.21
N LYS A 26 -25.13 26.28 -12.45
CA LYS A 26 -26.16 25.27 -12.67
C LYS A 26 -25.74 23.91 -12.13
N ASP A 27 -24.46 23.54 -12.30
CA ASP A 27 -24.01 22.22 -11.93
C ASP A 27 -23.58 22.14 -10.46
N LEU A 28 -22.65 23.00 -10.05
CA LEU A 28 -22.08 22.92 -8.72
C LEU A 28 -22.73 23.88 -7.73
N GLY A 29 -23.43 24.90 -8.20
CA GLY A 29 -24.06 25.86 -7.31
C GLY A 29 -23.12 26.87 -6.70
N TRP A 30 -21.87 26.96 -7.19
CA TRP A 30 -20.91 27.94 -6.67
C TRP A 30 -21.29 29.31 -7.20
N LYS A 31 -22.39 29.86 -6.66
CA LYS A 31 -22.90 31.13 -7.14
C LYS A 31 -22.01 32.31 -6.78
N TRP A 32 -21.00 32.09 -5.94
CA TRP A 32 -20.13 33.17 -5.50
C TRP A 32 -18.96 33.41 -6.44
N ILE A 33 -18.86 32.67 -7.52
CA ILE A 33 -17.74 32.79 -8.45
C ILE A 33 -18.05 33.89 -9.46
N HIS A 34 -17.05 34.72 -9.74
CA HIS A 34 -17.19 35.81 -10.70
C HIS A 34 -16.87 35.36 -12.12
N GLU A 35 -15.67 34.81 -12.32
CA GLU A 35 -15.26 34.33 -13.63
C GLU A 35 -14.23 33.23 -13.46
N PRO A 36 -14.21 32.21 -14.32
CA PRO A 36 -15.13 31.96 -15.44
C PRO A 36 -16.47 31.40 -14.97
N LYS A 37 -17.54 31.58 -15.74
CA LYS A 37 -18.85 31.06 -15.34
C LYS A 37 -18.81 29.54 -15.22
N GLY A 38 -18.13 28.88 -16.16
CA GLY A 38 -17.92 27.44 -16.08
C GLY A 38 -16.51 27.10 -16.52
N TYR A 39 -16.30 25.82 -16.80
CA TYR A 39 -15.01 25.36 -17.30
C TYR A 39 -15.17 23.93 -17.82
N HIS A 40 -14.09 23.40 -18.37
CA HIS A 40 -14.06 22.03 -18.87
C HIS A 40 -13.43 21.13 -17.81
N ALA A 41 -14.22 20.23 -17.26
CA ALA A 41 -13.79 19.32 -16.20
C ALA A 41 -13.85 17.90 -16.75
N ASN A 42 -12.77 17.48 -17.40
CA ASN A 42 -12.70 16.12 -17.92
C ASN A 42 -12.72 15.13 -16.76
N PHE A 43 -13.29 13.95 -17.00
CA PHE A 43 -13.40 12.92 -15.99
C PHE A 43 -12.71 11.65 -16.46
N CYS A 44 -12.15 10.90 -15.51
CA CYS A 44 -11.42 9.68 -15.84
C CYS A 44 -12.40 8.52 -16.00
N LEU A 45 -12.34 7.85 -17.14
CA LEU A 45 -13.19 6.71 -17.41
C LEU A 45 -12.52 5.82 -18.44
N GLY A 46 -12.90 4.54 -18.43
CA GLY A 46 -12.37 3.58 -19.36
C GLY A 46 -11.95 2.29 -18.66
N PRO A 47 -12.39 1.14 -19.19
CA PRO A 47 -11.97 -0.13 -18.59
C PRO A 47 -10.45 -0.28 -18.58
N CYS A 48 -9.95 -0.97 -17.55
CA CYS A 48 -8.52 -1.15 -17.34
C CYS A 48 -8.08 -2.52 -17.82
N PRO A 49 -7.26 -2.62 -18.87
CA PRO A 49 -6.71 -3.93 -19.25
C PRO A 49 -5.42 -4.23 -18.50
N TYR A 50 -5.08 -5.52 -18.48
CA TYR A 50 -3.87 -5.95 -17.78
C TYR A 50 -2.62 -5.29 -18.38
N ILE A 51 -2.53 -5.28 -19.70
CA ILE A 51 -1.36 -4.71 -20.39
C ILE A 51 -1.66 -3.24 -20.61
N TRP A 52 -1.28 -2.42 -19.63
CA TRP A 52 -1.46 -0.97 -19.71
C TRP A 52 -0.64 -0.35 -18.59
N SER A 53 -0.58 0.98 -18.60
CA SER A 53 0.22 1.73 -17.64
C SER A 53 -0.46 1.64 -16.27
N LEU A 54 -0.05 0.66 -15.47
CA LEU A 54 -0.55 0.47 -14.12
C LEU A 54 0.58 0.64 -13.12
N ASP A 55 0.26 1.23 -11.97
CA ASP A 55 1.24 1.55 -10.94
C ASP A 55 1.10 0.65 -9.71
N THR A 56 -0.11 0.55 -9.16
CA THR A 56 -0.34 -0.23 -7.97
C THR A 56 -0.32 -1.72 -8.28
N GLN A 57 0.41 -2.47 -7.46
CA GLN A 57 0.44 -3.92 -7.62
C GLN A 57 -0.91 -4.53 -7.32
N TYR A 58 -1.68 -3.92 -6.42
CA TYR A 58 -3.01 -4.43 -6.13
C TYR A 58 -3.91 -4.34 -7.36
N SER A 59 -3.77 -3.27 -8.14
CA SER A 59 -4.53 -3.17 -9.39
C SER A 59 -4.18 -4.31 -10.33
N LYS A 60 -2.88 -4.62 -10.46
CA LYS A 60 -2.48 -5.74 -11.31
C LYS A 60 -3.07 -7.05 -10.79
N VAL A 61 -3.03 -7.25 -9.48
CA VAL A 61 -3.57 -8.49 -8.90
C VAL A 61 -5.05 -8.60 -9.19
N LEU A 62 -5.79 -7.50 -9.04
CA LEU A 62 -7.22 -7.54 -9.26
C LEU A 62 -7.54 -7.74 -10.74
N ALA A 63 -6.74 -7.15 -11.64
CA ALA A 63 -6.93 -7.37 -13.06
C ALA A 63 -6.68 -8.82 -13.42
N LEU A 64 -5.64 -9.43 -12.86
CA LEU A 64 -5.41 -10.85 -13.08
C LEU A 64 -6.55 -11.69 -12.53
N TYR A 65 -7.09 -11.30 -11.37
CA TYR A 65 -8.25 -11.98 -10.82
C TYR A 65 -9.41 -11.93 -11.79
N ASN A 66 -9.67 -10.75 -12.37
CA ASN A 66 -10.75 -10.63 -13.35
C ASN A 66 -10.48 -11.50 -14.58
N GLN A 67 -9.24 -11.48 -15.07
CA GLN A 67 -8.90 -12.30 -16.22
C GLN A 67 -9.19 -13.77 -15.95
N HIS A 68 -8.69 -14.28 -14.82
CA HIS A 68 -8.93 -15.67 -14.44
C HIS A 68 -10.29 -15.87 -13.81
N ASN A 69 -11.00 -14.79 -13.48
CA ASN A 69 -12.34 -14.89 -12.92
C ASN A 69 -13.16 -13.74 -13.51
N PRO A 70 -13.69 -13.92 -14.73
CA PRO A 70 -14.37 -12.79 -15.38
C PRO A 70 -15.52 -12.21 -14.57
N GLY A 71 -16.28 -13.06 -13.89
CA GLY A 71 -17.36 -12.57 -13.04
C GLY A 71 -16.91 -12.39 -11.61
N ALA A 72 -16.47 -11.18 -11.28
CA ALA A 72 -15.96 -10.89 -9.94
C ALA A 72 -16.59 -9.63 -9.36
N SER A 73 -17.04 -8.71 -10.22
CA SER A 73 -17.59 -7.44 -9.78
C SER A 73 -16.59 -6.65 -8.96
N ALA A 74 -15.29 -6.82 -9.24
CA ALA A 74 -14.24 -6.11 -8.53
C ALA A 74 -13.04 -6.01 -9.46
N ALA A 75 -12.86 -4.85 -10.05
CA ALA A 75 -11.77 -4.59 -10.98
C ALA A 75 -11.20 -3.20 -10.69
N PRO A 76 -9.93 -2.97 -11.06
CA PRO A 76 -9.36 -1.64 -10.86
C PRO A 76 -10.14 -0.59 -11.64
N CYS A 77 -10.28 0.59 -11.03
CA CYS A 77 -11.11 1.65 -11.56
C CYS A 77 -10.25 2.79 -12.10
N CYS A 78 -10.79 3.49 -13.09
CA CYS A 78 -10.11 4.63 -13.70
C CYS A 78 -10.39 5.88 -12.87
N VAL A 79 -9.35 6.44 -12.28
CA VAL A 79 -9.52 7.56 -11.34
C VAL A 79 -8.46 8.62 -11.62
N PRO A 80 -8.71 9.85 -11.18
CA PRO A 80 -7.75 10.93 -11.46
C PRO A 80 -6.37 10.63 -10.93
N GLN A 81 -5.36 11.04 -11.70
CA GLN A 81 -3.96 10.93 -11.31
C GLN A 81 -3.37 12.30 -11.00
N ALA A 82 -3.45 13.24 -11.94
CA ALA A 82 -3.00 14.61 -11.74
C ALA A 82 -4.15 15.55 -12.04
N LEU A 83 -4.48 16.41 -11.08
CA LEU A 83 -5.58 17.36 -11.20
C LEU A 83 -5.02 18.77 -11.27
N GLU A 84 -5.43 19.52 -12.27
CA GLU A 84 -4.90 20.85 -12.51
C GLU A 84 -5.63 21.89 -11.67
N PRO A 85 -4.92 22.83 -11.05
CA PRO A 85 -5.62 23.92 -10.36
C PRO A 85 -6.30 24.87 -11.33
N LEU A 86 -7.38 25.49 -10.86
CA LEU A 86 -8.14 26.43 -11.67
C LEU A 86 -7.89 27.84 -11.17
N PRO A 87 -7.27 28.73 -11.96
CA PRO A 87 -7.14 30.12 -11.53
C PRO A 87 -8.45 30.88 -11.72
N ILE A 88 -8.94 31.49 -10.65
CA ILE A 88 -10.17 32.28 -10.69
C ILE A 88 -9.89 33.64 -10.07
N VAL A 89 -10.72 34.61 -10.43
CA VAL A 89 -10.66 35.96 -9.86
C VAL A 89 -12.07 36.39 -9.50
N TYR A 90 -12.27 36.86 -8.28
CA TYR A 90 -13.58 37.32 -7.85
C TYR A 90 -13.38 38.50 -6.90
N TYR A 91 -14.47 38.90 -6.22
CA TYR A 91 -14.46 40.06 -5.35
C TYR A 91 -14.85 39.64 -3.95
N VAL A 92 -14.03 40.00 -2.96
CA VAL A 92 -14.37 39.87 -1.56
C VAL A 92 -14.73 41.26 -1.05
N GLY A 93 -15.98 41.43 -0.65
CA GLY A 93 -16.48 42.76 -0.33
C GLY A 93 -16.39 43.66 -1.55
N ARG A 94 -15.44 44.59 -1.53
CA ARG A 94 -15.17 45.46 -2.67
C ARG A 94 -13.70 45.42 -3.06
N LYS A 95 -13.07 44.25 -2.91
CA LYS A 95 -11.65 44.08 -3.21
C LYS A 95 -11.49 42.90 -4.18
N PRO A 96 -10.93 43.12 -5.36
CA PRO A 96 -10.62 41.98 -6.24
C PRO A 96 -9.54 41.09 -5.62
N LYS A 97 -9.65 39.79 -5.91
CA LYS A 97 -8.67 38.82 -5.43
C LYS A 97 -8.66 37.63 -6.36
N VAL A 98 -7.46 37.10 -6.61
CA VAL A 98 -7.24 35.96 -7.48
C VAL A 98 -6.83 34.77 -6.62
N GLU A 99 -7.51 33.65 -6.82
CA GLU A 99 -7.26 32.43 -6.07
C GLU A 99 -7.07 31.27 -7.04
N GLN A 100 -6.63 30.14 -6.49
CA GLN A 100 -6.34 28.95 -7.27
C GLN A 100 -7.11 27.77 -6.65
N LEU A 101 -8.25 27.44 -7.23
CA LEU A 101 -9.00 26.27 -6.77
C LEU A 101 -8.24 25.01 -7.16
N SER A 102 -7.49 24.45 -6.23
CA SER A 102 -6.60 23.35 -6.54
C SER A 102 -7.38 22.13 -6.99
N ASN A 103 -6.73 21.31 -7.82
CA ASN A 103 -7.29 20.04 -8.31
C ASN A 103 -8.72 20.22 -8.79
N MET A 104 -8.86 20.97 -9.89
CA MET A 104 -10.16 21.24 -10.49
C MET A 104 -10.33 20.67 -11.90
N ILE A 105 -9.26 20.59 -12.69
CA ILE A 105 -9.32 20.07 -14.05
C ILE A 105 -8.44 18.83 -14.13
N VAL A 106 -8.99 17.75 -14.69
CA VAL A 106 -8.26 16.49 -14.79
C VAL A 106 -7.22 16.59 -15.89
N ARG A 107 -6.00 16.11 -15.61
CA ARG A 107 -4.93 16.06 -16.59
C ARG A 107 -4.36 14.67 -16.80
N SER A 108 -4.61 13.73 -15.90
CA SER A 108 -4.11 12.36 -16.05
C SER A 108 -5.07 11.41 -15.36
N CYS A 109 -4.97 10.14 -15.73
CA CYS A 109 -5.80 9.10 -15.15
C CYS A 109 -4.95 7.87 -14.84
N LYS A 110 -5.42 7.07 -13.89
CA LYS A 110 -4.69 5.89 -13.46
C LYS A 110 -5.69 4.79 -13.12
N CYS A 111 -5.21 3.55 -13.21
CA CYS A 111 -6.01 2.37 -12.88
C CYS A 111 -5.66 1.94 -11.45
N SER A 112 -6.60 2.13 -10.54
CA SER A 112 -6.40 1.78 -9.15
C SER A 112 -7.73 1.82 -8.39
N ALA B 1 -10.47 5.09 9.17
CA ALA B 1 -11.93 5.23 9.36
C ALA B 1 -12.68 4.12 8.62
N LEU B 2 -12.57 4.12 7.29
CA LEU B 2 -13.23 3.13 6.45
C LEU B 2 -12.36 1.87 6.33
N ASP B 3 -11.98 1.35 7.49
CA ASP B 3 -11.11 0.18 7.55
C ASP B 3 -11.92 -1.10 7.49
N THR B 4 -11.25 -2.24 7.70
CA THR B 4 -11.93 -3.52 7.68
C THR B 4 -12.96 -3.61 8.79
N ASN B 5 -12.61 -3.15 10.00
CA ASN B 5 -13.53 -3.25 11.12
C ASN B 5 -14.82 -2.48 10.86
N TYR B 6 -14.70 -1.28 10.30
CA TYR B 6 -15.88 -0.44 10.12
C TYR B 6 -16.91 -1.11 9.22
N CYS B 7 -16.47 -1.66 8.08
CA CYS B 7 -17.40 -2.23 7.12
C CYS B 7 -17.68 -3.70 7.37
N PHE B 8 -16.96 -4.36 8.28
CA PHE B 8 -17.25 -5.74 8.63
C PHE B 8 -18.15 -5.84 9.85
N SER B 9 -17.99 -4.96 10.84
CA SER B 9 -18.91 -4.94 11.96
C SER B 9 -20.33 -4.58 11.52
N SER B 10 -20.44 -3.61 10.61
CA SER B 10 -21.72 -3.19 10.07
C SER B 10 -21.63 -3.15 8.54
N THR B 11 -22.75 -3.47 7.90
CA THR B 11 -22.80 -3.50 6.44
C THR B 11 -23.05 -2.10 5.90
N GLU B 12 -22.07 -1.55 5.19
CA GLU B 12 -22.20 -0.23 4.57
C GLU B 12 -21.97 -0.37 3.07
N LYS B 13 -22.91 0.17 2.30
CA LYS B 13 -22.85 0.09 0.85
C LYS B 13 -21.87 1.08 0.23
N ASN B 14 -21.38 2.04 1.01
CA ASN B 14 -20.51 3.07 0.47
C ASN B 14 -19.10 2.52 0.28
N CYS B 15 -18.20 3.41 -0.16
CA CYS B 15 -16.83 3.02 -0.47
C CYS B 15 -16.13 2.45 0.76
N CYS B 16 -15.74 1.18 0.69
CA CYS B 16 -15.04 0.53 1.79
C CYS B 16 -14.48 -0.80 1.29
N VAL B 17 -13.76 -1.48 2.19
CA VAL B 17 -13.17 -2.78 1.89
C VAL B 17 -14.22 -3.85 2.14
N ARG B 18 -14.39 -4.75 1.16
CA ARG B 18 -15.26 -5.90 1.28
C ARG B 18 -14.44 -7.18 1.17
N GLN B 19 -14.93 -8.23 1.81
CA GLN B 19 -14.17 -9.47 1.90
C GLN B 19 -13.93 -10.06 0.52
N LEU B 20 -12.77 -10.68 0.35
CA LEU B 20 -12.43 -11.35 -0.91
C LEU B 20 -11.27 -12.31 -0.66
N TYR B 21 -11.48 -13.58 -0.96
CA TYR B 21 -10.44 -14.59 -0.80
C TYR B 21 -9.68 -14.72 -2.12
N ILE B 22 -8.40 -14.34 -2.10
CA ILE B 22 -7.54 -14.39 -3.28
C ILE B 22 -6.74 -15.69 -3.21
N ASP B 23 -6.93 -16.55 -4.21
CA ASP B 23 -6.21 -17.80 -4.33
C ASP B 23 -5.23 -17.72 -5.49
N PHE B 24 -3.96 -18.05 -5.23
CA PHE B 24 -2.93 -17.88 -6.24
C PHE B 24 -3.15 -18.84 -7.42
N ARG B 25 -3.32 -20.13 -7.12
CA ARG B 25 -3.40 -21.11 -8.20
C ARG B 25 -4.72 -21.02 -8.96
N LYS B 26 -5.84 -20.91 -8.25
CA LYS B 26 -7.15 -20.98 -8.88
C LYS B 26 -7.65 -19.60 -9.29
N ASP B 27 -7.81 -18.70 -8.31
CA ASP B 27 -8.37 -17.39 -8.62
C ASP B 27 -7.38 -16.51 -9.36
N LEU B 28 -6.11 -16.52 -8.94
CA LEU B 28 -5.10 -15.66 -9.54
C LEU B 28 -4.25 -16.37 -10.59
N GLY B 29 -4.19 -17.70 -10.54
CA GLY B 29 -3.37 -18.44 -11.48
C GLY B 29 -1.88 -18.38 -11.21
N TRP B 30 -1.48 -17.87 -10.06
CA TRP B 30 -0.06 -17.81 -9.69
C TRP B 30 0.36 -19.13 -9.07
N LYS B 31 1.49 -19.65 -9.54
CA LYS B 31 2.05 -20.90 -9.04
C LYS B 31 3.54 -20.77 -8.73
N TRP B 32 4.07 -19.55 -8.72
CA TRP B 32 5.49 -19.32 -8.43
C TRP B 32 5.75 -19.10 -6.96
N ILE B 33 4.74 -19.19 -6.10
CA ILE B 33 4.88 -19.07 -4.66
C ILE B 33 4.34 -20.36 -4.04
N HIS B 34 5.18 -21.01 -3.22
CA HIS B 34 4.74 -22.24 -2.57
C HIS B 34 3.53 -21.98 -1.68
N GLU B 35 3.64 -21.00 -0.80
CA GLU B 35 2.55 -20.62 0.10
C GLU B 35 2.80 -19.19 0.57
N PRO B 36 1.77 -18.51 1.07
CA PRO B 36 0.37 -18.95 1.26
C PRO B 36 -0.34 -19.27 -0.05
N LYS B 37 -0.94 -20.45 -0.15
CA LYS B 37 -1.71 -20.79 -1.35
C LYS B 37 -2.87 -19.84 -1.56
N GLY B 38 -3.37 -19.23 -0.49
CA GLY B 38 -4.44 -18.26 -0.58
C GLY B 38 -4.47 -17.35 0.63
N TYR B 39 -4.99 -16.14 0.46
CA TYR B 39 -5.05 -15.17 1.54
C TYR B 39 -6.29 -14.31 1.34
N HIS B 40 -6.41 -13.27 2.15
CA HIS B 40 -7.55 -12.35 2.09
C HIS B 40 -7.06 -10.96 1.69
N ALA B 41 -7.64 -10.42 0.62
CA ALA B 41 -7.41 -9.05 0.19
C ALA B 41 -8.77 -8.39 0.04
N ASN B 42 -9.16 -7.60 1.03
CA ASN B 42 -10.48 -6.97 1.03
C ASN B 42 -10.46 -5.80 0.07
N PHE B 43 -11.26 -5.89 -1.00
CA PHE B 43 -11.17 -4.96 -2.11
C PHE B 43 -12.09 -3.77 -1.92
N CYS B 44 -11.70 -2.64 -2.50
CA CYS B 44 -12.46 -1.41 -2.38
C CYS B 44 -13.67 -1.44 -3.31
N LEU B 45 -14.84 -1.11 -2.76
CA LEU B 45 -16.05 -1.08 -3.56
C LEU B 45 -17.08 -0.21 -2.84
N GLY B 46 -18.02 0.33 -3.63
CA GLY B 46 -19.09 1.14 -3.10
C GLY B 46 -18.95 2.59 -3.52
N PRO B 47 -20.05 3.21 -3.98
CA PRO B 47 -20.01 4.62 -4.35
C PRO B 47 -20.01 5.51 -3.11
N CYS B 48 -19.64 6.77 -3.33
CA CYS B 48 -19.60 7.77 -2.27
C CYS B 48 -20.52 8.93 -2.64
N PRO B 49 -21.56 9.23 -1.85
CA PRO B 49 -22.34 10.44 -2.10
C PRO B 49 -21.50 11.69 -1.89
N TYR B 50 -22.10 12.87 -2.10
CA TYR B 50 -21.35 14.12 -1.93
C TYR B 50 -20.83 14.26 -0.50
N ILE B 51 -21.65 13.89 0.49
CA ILE B 51 -21.27 13.99 1.90
C ILE B 51 -20.51 12.72 2.24
N TRP B 52 -19.19 12.75 2.02
CA TRP B 52 -18.35 11.60 2.31
C TRP B 52 -16.91 12.09 2.40
N SER B 53 -16.00 11.17 2.70
CA SER B 53 -14.58 11.48 2.84
C SER B 53 -13.99 11.74 1.46
N LEU B 54 -14.35 12.88 0.89
CA LEU B 54 -13.86 13.31 -0.41
C LEU B 54 -12.68 14.25 -0.19
N ASP B 55 -11.47 13.69 -0.13
CA ASP B 55 -10.30 14.50 0.20
C ASP B 55 -10.06 15.58 -0.86
N THR B 56 -10.18 15.23 -2.13
CA THR B 56 -9.94 16.16 -3.23
C THR B 56 -11.25 16.87 -3.60
N GLN B 57 -11.19 18.20 -3.68
CA GLN B 57 -12.38 18.95 -4.02
C GLN B 57 -12.90 18.61 -5.42
N TYR B 58 -12.06 18.05 -6.29
CA TYR B 58 -12.56 17.58 -7.58
C TYR B 58 -13.56 16.46 -7.39
N SER B 59 -13.35 15.60 -6.40
CA SER B 59 -14.33 14.56 -6.11
C SER B 59 -15.66 15.18 -5.70
N LYS B 60 -15.61 16.23 -4.88
CA LYS B 60 -16.83 16.92 -4.51
C LYS B 60 -17.50 17.54 -5.73
N VAL B 61 -16.70 18.08 -6.64
CA VAL B 61 -17.24 18.66 -7.87
C VAL B 61 -17.97 17.59 -8.67
N LEU B 62 -17.34 16.42 -8.82
CA LEU B 62 -17.98 15.33 -9.55
C LEU B 62 -19.27 14.89 -8.87
N ALA B 63 -19.25 14.79 -7.53
CA ALA B 63 -20.46 14.38 -6.82
C ALA B 63 -21.58 15.38 -7.03
N LEU B 64 -21.26 16.68 -6.96
CA LEU B 64 -22.29 17.70 -7.17
C LEU B 64 -22.81 17.65 -8.60
N TYR B 65 -21.91 17.47 -9.58
CA TYR B 65 -22.34 17.39 -10.97
C TYR B 65 -23.27 16.20 -11.19
N ASN B 66 -22.93 15.06 -10.61
CA ASN B 66 -23.79 13.88 -10.72
C ASN B 66 -25.14 14.13 -10.05
N GLN B 67 -25.13 14.74 -8.87
CA GLN B 67 -26.37 15.00 -8.16
C GLN B 67 -27.28 15.93 -8.96
N HIS B 68 -26.73 17.01 -9.50
CA HIS B 68 -27.51 17.92 -10.32
C HIS B 68 -27.76 17.37 -11.71
N ASN B 69 -26.83 16.55 -12.24
CA ASN B 69 -26.95 15.94 -13.55
C ASN B 69 -26.71 14.44 -13.40
N PRO B 70 -27.73 13.67 -13.02
CA PRO B 70 -27.52 12.23 -12.84
C PRO B 70 -27.04 11.53 -14.09
N GLY B 71 -27.44 11.98 -15.27
CA GLY B 71 -27.00 11.39 -16.51
C GLY B 71 -25.65 11.93 -16.96
N ALA B 72 -24.62 11.68 -16.15
CA ALA B 72 -23.28 12.17 -16.46
C ALA B 72 -22.28 11.03 -16.52
N SER B 73 -22.46 10.02 -15.68
CA SER B 73 -21.56 8.87 -15.62
C SER B 73 -20.12 9.32 -15.35
N ALA B 74 -19.98 10.39 -14.57
CA ALA B 74 -18.69 10.93 -14.18
C ALA B 74 -18.74 11.23 -12.69
N ALA B 75 -18.42 10.23 -11.88
CA ALA B 75 -18.47 10.33 -10.43
C ALA B 75 -17.20 9.75 -9.84
N PRO B 76 -16.86 10.11 -8.61
CA PRO B 76 -15.66 9.55 -7.98
C PRO B 76 -15.78 8.04 -7.81
N CYS B 77 -14.64 7.37 -7.86
CA CYS B 77 -14.57 5.93 -7.73
C CYS B 77 -13.88 5.55 -6.42
N CYS B 78 -14.22 4.37 -5.93
CA CYS B 78 -13.68 3.86 -4.67
C CYS B 78 -12.30 3.26 -4.91
N VAL B 79 -11.29 3.79 -4.25
CA VAL B 79 -9.90 3.41 -4.51
C VAL B 79 -9.19 3.09 -3.19
N PRO B 80 -8.34 2.06 -3.15
CA PRO B 80 -7.54 1.84 -1.94
C PRO B 80 -6.64 3.04 -1.65
N GLN B 81 -6.48 3.31 -0.35
CA GLN B 81 -5.62 4.40 0.11
C GLN B 81 -4.32 3.87 0.72
N ALA B 82 -4.42 2.98 1.71
CA ALA B 82 -3.24 2.36 2.32
C ALA B 82 -3.39 0.85 2.23
N LEU B 83 -2.35 0.20 1.72
CA LEU B 83 -2.37 -1.24 1.48
C LEU B 83 -1.26 -1.90 2.29
N GLU B 84 -1.60 -3.01 2.93
CA GLU B 84 -0.64 -3.71 3.80
C GLU B 84 0.12 -4.76 3.01
N PRO B 85 1.45 -4.78 3.06
CA PRO B 85 2.19 -5.85 2.38
C PRO B 85 1.81 -7.23 2.90
N LEU B 86 1.92 -8.23 2.02
CA LEU B 86 1.60 -9.60 2.35
C LEU B 86 2.88 -10.42 2.44
N PRO B 87 3.17 -11.08 3.57
CA PRO B 87 4.29 -12.01 3.59
C PRO B 87 4.02 -13.22 2.69
N ILE B 88 5.09 -13.76 2.10
CA ILE B 88 5.01 -14.93 1.26
C ILE B 88 6.30 -15.73 1.41
N VAL B 89 6.19 -17.05 1.23
CA VAL B 89 7.33 -17.95 1.22
C VAL B 89 7.33 -18.69 -0.11
N TYR B 90 8.47 -18.63 -0.81
CA TYR B 90 8.58 -19.28 -2.10
C TYR B 90 10.02 -19.71 -2.31
N TYR B 91 10.20 -20.73 -3.15
CA TYR B 91 11.51 -21.31 -3.38
C TYR B 91 12.06 -20.84 -4.72
N VAL B 92 13.31 -20.37 -4.70
CA VAL B 92 14.07 -20.08 -5.91
C VAL B 92 15.20 -21.09 -5.97
N GLY B 93 15.27 -21.87 -7.03
CA GLY B 93 16.18 -22.99 -7.05
C GLY B 93 15.84 -23.92 -5.90
N ARG B 94 16.86 -24.28 -5.11
CA ARG B 94 16.67 -25.09 -3.91
C ARG B 94 16.59 -24.23 -2.65
N LYS B 95 16.60 -22.91 -2.78
CA LYS B 95 16.67 -22.01 -1.64
C LYS B 95 15.29 -21.46 -1.33
N PRO B 96 14.71 -21.75 -0.17
CA PRO B 96 13.49 -21.02 0.25
C PRO B 96 13.82 -19.57 0.57
N LYS B 97 12.81 -18.72 0.41
CA LYS B 97 12.95 -17.31 0.74
C LYS B 97 11.60 -16.75 1.14
N VAL B 98 11.60 -15.85 2.11
CA VAL B 98 10.41 -15.16 2.57
C VAL B 98 10.53 -13.71 2.12
N GLU B 99 9.50 -13.23 1.42
CA GLU B 99 9.45 -11.88 0.89
C GLU B 99 8.15 -11.21 1.34
N GLN B 100 8.08 -9.91 1.11
CA GLN B 100 6.91 -9.10 1.45
C GLN B 100 6.38 -8.47 0.17
N LEU B 101 5.38 -9.10 -0.44
CA LEU B 101 4.75 -8.58 -1.64
C LEU B 101 3.86 -7.41 -1.23
N SER B 102 4.33 -6.20 -1.51
CA SER B 102 3.72 -4.98 -1.00
C SER B 102 2.43 -4.67 -1.75
N ASN B 103 1.55 -3.95 -1.06
CA ASN B 103 0.34 -3.38 -1.66
C ASN B 103 -0.49 -4.44 -2.36
N MET B 104 -0.86 -5.48 -1.60
CA MET B 104 -1.85 -6.45 -2.07
C MET B 104 -2.89 -6.78 -1.01
N ILE B 105 -2.80 -6.20 0.19
CA ILE B 105 -3.86 -6.26 1.18
C ILE B 105 -4.38 -4.84 1.36
N VAL B 106 -5.65 -4.63 1.01
CA VAL B 106 -6.25 -3.31 1.00
C VAL B 106 -7.07 -3.13 2.27
N ARG B 107 -6.75 -2.09 3.04
CA ARG B 107 -7.40 -1.81 4.31
C ARG B 107 -8.23 -0.53 4.28
N SER B 108 -7.70 0.53 3.67
CA SER B 108 -8.35 1.83 3.66
C SER B 108 -8.78 2.20 2.25
N CYS B 109 -10.06 2.54 2.11
CA CYS B 109 -10.62 2.96 0.83
C CYS B 109 -11.09 4.40 0.92
N LYS B 110 -10.67 5.21 -0.03
CA LYS B 110 -11.11 6.59 -0.19
C LYS B 110 -11.89 6.69 -1.50
N CYS B 111 -12.34 7.90 -1.81
CA CYS B 111 -13.09 8.16 -3.04
C CYS B 111 -12.36 9.22 -3.84
N SER B 112 -12.21 8.98 -5.13
CA SER B 112 -11.56 9.94 -6.02
C SER B 112 -11.86 9.62 -7.49
N PHE C 7 -25.61 27.13 2.14
CA PHE C 7 -25.51 27.37 0.70
C PHE C 7 -25.01 28.79 0.43
N PRO C 8 -24.34 28.98 -0.71
CA PRO C 8 -23.80 30.32 -1.02
C PRO C 8 -24.91 31.36 -1.13
N GLN C 9 -24.60 32.57 -0.69
CA GLN C 9 -25.52 33.69 -0.75
C GLN C 9 -25.07 34.64 -1.86
N LEU C 10 -25.98 34.92 -2.79
CA LEU C 10 -25.73 35.83 -3.90
C LEU C 10 -26.39 37.17 -3.61
N CYS C 11 -25.62 38.25 -3.74
CA CYS C 11 -26.10 39.58 -3.46
C CYS C 11 -25.55 40.56 -4.48
N LYS C 12 -26.29 41.66 -4.69
CA LYS C 12 -25.84 42.72 -5.56
C LYS C 12 -24.84 43.59 -4.82
N PHE C 13 -23.64 43.74 -5.38
CA PHE C 13 -22.58 44.53 -4.77
C PHE C 13 -22.03 45.58 -5.74
N CYS C 14 -22.77 45.88 -6.79
CA CYS C 14 -22.35 46.90 -7.74
C CYS C 14 -22.42 48.28 -7.08
N ASP C 15 -21.49 49.15 -7.49
CA ASP C 15 -21.44 50.51 -6.97
C ASP C 15 -22.51 51.35 -7.68
N VAL C 16 -22.44 52.66 -7.53
CA VAL C 16 -23.42 53.55 -8.13
C VAL C 16 -23.37 53.41 -9.64
N ARG C 17 -24.43 52.86 -10.22
CA ARG C 17 -24.51 52.66 -11.66
C ARG C 17 -25.85 53.14 -12.20
N PHE C 18 -26.11 52.92 -13.48
CA PHE C 18 -27.35 53.36 -14.12
C PHE C 18 -28.18 52.16 -14.52
N SER C 19 -29.47 52.21 -14.19
CA SER C 19 -30.41 51.14 -14.51
C SER C 19 -31.41 51.63 -15.54
N THR C 20 -31.68 50.79 -16.54
CA THR C 20 -32.61 51.13 -17.61
C THR C 20 -34.06 50.97 -17.19
N CYS C 21 -34.34 50.38 -16.04
CA CYS C 21 -35.71 50.19 -15.55
C CYS C 21 -36.02 51.33 -14.58
N ASP C 22 -36.87 52.26 -15.02
CA ASP C 22 -37.32 53.38 -14.20
C ASP C 22 -38.82 53.26 -13.99
N ASN C 23 -39.24 53.34 -12.72
CA ASN C 23 -40.65 53.22 -12.36
C ASN C 23 -41.24 51.91 -12.89
N GLN C 24 -40.44 50.85 -12.82
CA GLN C 24 -40.83 49.53 -13.31
C GLN C 24 -41.23 48.64 -12.15
N LYS C 25 -42.14 47.70 -12.43
CA LYS C 25 -42.58 46.77 -11.40
C LYS C 25 -41.42 45.93 -10.88
N SER C 26 -40.61 45.40 -11.78
CA SER C 26 -39.47 44.58 -11.41
C SER C 26 -38.65 44.29 -12.66
N CYS C 27 -37.34 44.09 -12.45
CA CYS C 27 -36.43 43.78 -13.54
C CYS C 27 -35.34 42.87 -13.01
N MET C 28 -34.34 42.61 -13.85
CA MET C 28 -33.20 41.79 -13.46
C MET C 28 -32.30 42.55 -12.50
N SER C 29 -31.37 41.81 -11.87
CA SER C 29 -30.47 42.43 -10.92
C SER C 29 -29.64 43.53 -11.56
N ASN C 30 -29.49 43.50 -12.89
CA ASN C 30 -28.70 44.49 -13.62
C ASN C 30 -27.36 44.75 -12.94
N CYS C 31 -26.80 43.70 -12.34
CA CYS C 31 -25.52 43.80 -11.66
C CYS C 31 -24.78 42.47 -11.87
N SER C 32 -23.94 42.42 -12.89
CA SER C 32 -23.16 41.22 -13.19
C SER C 32 -22.09 40.97 -12.14
N ILE C 33 -21.72 41.96 -11.35
CA ILE C 33 -20.67 41.80 -10.36
C ILE C 33 -21.25 41.16 -9.10
N THR C 34 -20.61 40.10 -8.63
CA THR C 34 -21.01 39.40 -7.42
C THR C 34 -19.80 39.30 -6.49
N SER C 35 -20.04 39.50 -5.20
CA SER C 35 -18.96 39.48 -4.21
C SER C 35 -19.49 38.90 -2.92
N ILE C 36 -18.57 38.42 -2.09
CA ILE C 36 -18.88 37.87 -0.77
C ILE C 36 -18.61 38.97 0.26
N CYS C 37 -19.56 39.17 1.16
CA CYS C 37 -19.45 40.26 2.13
C CYS C 37 -18.25 40.04 3.03
N GLU C 38 -17.64 41.15 3.46
CA GLU C 38 -16.45 41.08 4.30
C GLU C 38 -16.74 40.36 5.62
N LYS C 39 -17.83 40.75 6.29
CA LYS C 39 -18.19 40.11 7.55
C LYS C 39 -19.48 39.32 7.40
N PRO C 40 -19.60 38.18 8.09
CA PRO C 40 -20.77 37.32 7.89
C PRO C 40 -22.10 37.99 8.23
N GLN C 41 -22.12 38.84 9.25
CA GLN C 41 -23.37 39.45 9.71
C GLN C 41 -23.89 40.53 8.76
N GLU C 42 -23.10 40.94 7.77
CA GLU C 42 -23.53 42.00 6.87
C GLU C 42 -24.76 41.59 6.08
N VAL C 43 -25.71 42.51 5.96
CA VAL C 43 -26.87 42.35 5.10
C VAL C 43 -26.63 43.16 3.83
N CYS C 44 -27.36 42.80 2.78
CA CYS C 44 -27.18 43.40 1.46
C CYS C 44 -28.23 44.49 1.26
N VAL C 45 -27.78 45.71 1.00
CA VAL C 45 -28.66 46.86 0.86
C VAL C 45 -28.59 47.37 -0.57
N ALA C 46 -29.77 47.58 -1.15
CA ALA C 46 -29.90 48.19 -2.47
C ALA C 46 -30.60 49.53 -2.31
N VAL C 47 -30.01 50.57 -2.89
CA VAL C 47 -30.52 51.93 -2.82
C VAL C 47 -30.79 52.42 -4.24
N TRP C 48 -31.96 53.00 -4.44
CA TRP C 48 -32.36 53.52 -5.74
C TRP C 48 -32.74 54.99 -5.59
N ARG C 49 -32.19 55.83 -6.47
CA ARG C 49 -32.40 57.27 -6.46
C ARG C 49 -32.78 57.75 -7.85
N LYS C 50 -33.76 57.08 -8.47
CA LYS C 50 -34.19 57.43 -9.80
C LYS C 50 -34.58 58.90 -9.87
N ASN C 51 -34.08 59.60 -10.88
CA ASN C 51 -34.32 61.02 -11.06
C ASN C 51 -34.55 61.32 -12.54
N ASP C 52 -35.21 62.44 -12.80
CA ASP C 52 -35.45 62.84 -14.18
C ASP C 52 -34.13 63.09 -14.92
N GLU C 53 -33.17 63.72 -14.25
CA GLU C 53 -31.88 63.97 -14.88
C GLU C 53 -31.18 62.67 -15.23
N ASN C 54 -31.19 61.70 -14.32
CA ASN C 54 -30.55 60.42 -14.56
C ASN C 54 -31.11 59.40 -13.58
N ILE C 55 -30.88 58.12 -13.89
CA ILE C 55 -31.30 57.01 -13.06
C ILE C 55 -30.05 56.40 -12.45
N THR C 56 -29.96 56.43 -11.12
CA THR C 56 -28.79 55.95 -10.39
C THR C 56 -29.22 54.97 -9.31
N LEU C 57 -28.56 53.83 -9.25
CA LEU C 57 -28.81 52.83 -8.21
C LEU C 57 -27.49 52.22 -7.77
N GLU C 58 -27.46 51.76 -6.53
CA GLU C 58 -26.27 51.14 -5.97
C GLU C 58 -26.68 49.96 -5.11
N THR C 59 -25.75 49.03 -4.91
CA THR C 59 -25.98 47.87 -4.07
C THR C 59 -24.68 47.51 -3.37
N VAL C 60 -24.73 47.38 -2.05
CA VAL C 60 -23.56 47.08 -1.24
C VAL C 60 -23.96 46.08 -0.15
N CYS C 61 -22.99 45.70 0.67
CA CYS C 61 -23.22 44.79 1.79
C CYS C 61 -22.53 45.38 3.02
N HIS C 62 -23.26 45.53 4.10
CA HIS C 62 -22.71 46.14 5.30
C HIS C 62 -23.52 45.71 6.52
N ASP C 63 -22.96 46.01 7.69
CA ASP C 63 -23.63 45.65 8.93
C ASP C 63 -24.93 46.44 9.07
N PRO C 64 -26.03 45.79 9.51
CA PRO C 64 -27.27 46.55 9.69
C PRO C 64 -27.14 47.71 10.67
N LYS C 65 -26.33 47.55 11.72
CA LYS C 65 -26.23 48.58 12.73
C LYS C 65 -25.64 49.88 12.18
N LEU C 66 -24.60 49.77 11.34
CA LEU C 66 -23.94 50.96 10.81
C LEU C 66 -24.80 51.57 9.71
N PRO C 67 -25.21 52.83 9.82
CA PRO C 67 -26.03 53.42 8.75
C PRO C 67 -25.25 53.59 7.46
N TYR C 68 -25.97 53.52 6.35
CA TYR C 68 -25.40 53.70 5.02
C TYR C 68 -25.82 55.07 4.50
N HIS C 69 -24.84 55.89 4.12
CA HIS C 69 -25.10 57.25 3.66
C HIS C 69 -25.95 58.02 4.67
N ASP C 70 -25.61 57.87 5.95
CA ASP C 70 -26.32 58.54 7.02
C ASP C 70 -27.80 58.20 7.01
N PHE C 71 -28.12 56.95 6.71
CA PHE C 71 -29.50 56.45 6.71
C PHE C 71 -29.59 55.24 7.61
N ILE C 72 -30.63 55.18 8.42
CA ILE C 72 -30.84 54.06 9.33
C ILE C 72 -31.49 52.91 8.56
N LEU C 73 -30.89 51.73 8.64
CA LEU C 73 -31.39 50.54 7.96
C LEU C 73 -32.20 49.73 8.96
N GLU C 74 -33.50 50.02 9.03
CA GLU C 74 -34.42 49.28 9.88
C GLU C 74 -35.11 48.13 9.15
N ASP C 75 -34.85 47.97 7.85
CA ASP C 75 -35.45 46.91 7.05
C ASP C 75 -34.52 45.71 6.88
N ALA C 76 -33.39 45.69 7.59
CA ALA C 76 -32.45 44.58 7.46
C ALA C 76 -33.07 43.25 7.90
N ALA C 77 -34.09 43.29 8.76
CA ALA C 77 -34.74 42.08 9.22
C ALA C 77 -35.53 41.38 8.12
N SER C 78 -35.82 42.05 7.03
CA SER C 78 -36.57 41.44 5.94
C SER C 78 -35.68 40.44 5.20
N PRO C 79 -36.07 39.16 5.10
CA PRO C 79 -35.24 38.22 4.34
C PRO C 79 -35.06 38.62 2.89
N LYS C 80 -36.07 39.23 2.28
CA LYS C 80 -36.04 39.61 0.87
C LYS C 80 -35.98 41.12 0.73
N CYS C 81 -35.28 41.58 -0.31
CA CYS C 81 -35.13 43.00 -0.57
C CYS C 81 -36.49 43.60 -0.94
N ILE C 82 -37.05 44.39 -0.05
CA ILE C 82 -38.28 45.14 -0.30
C ILE C 82 -37.96 46.62 -0.22
N MET C 83 -38.29 47.36 -1.29
CA MET C 83 -37.94 48.77 -1.37
C MET C 83 -38.93 49.60 -0.56
N LYS C 84 -38.44 50.19 0.53
CA LYS C 84 -39.19 51.17 1.30
C LYS C 84 -38.93 52.54 0.72
N GLU C 85 -39.98 53.33 0.55
CA GLU C 85 -39.90 54.63 -0.09
C GLU C 85 -39.75 55.73 0.96
N LYS C 86 -38.74 56.58 0.78
CA LYS C 86 -38.49 57.73 1.63
C LYS C 86 -38.20 58.93 0.75
N LYS C 87 -38.81 60.07 1.08
CA LYS C 87 -38.58 61.28 0.33
C LYS C 87 -37.18 61.83 0.60
N LYS C 88 -36.55 62.34 -0.45
CA LYS C 88 -35.22 62.92 -0.36
C LYS C 88 -35.18 64.09 -1.33
N PRO C 89 -34.52 65.20 -0.97
CA PRO C 89 -34.45 66.33 -1.90
C PRO C 89 -33.77 65.93 -3.20
N GLY C 90 -34.27 66.47 -4.30
CA GLY C 90 -33.74 66.15 -5.61
C GLY C 90 -34.45 64.99 -6.27
N GLU C 91 -34.48 63.83 -5.60
CA GLU C 91 -35.11 62.65 -6.15
C GLU C 91 -35.60 61.76 -5.02
N THR C 92 -36.54 60.88 -5.35
CA THR C 92 -37.08 59.95 -4.38
C THR C 92 -36.05 58.89 -4.02
N PHE C 93 -36.20 58.32 -2.82
CA PHE C 93 -35.28 57.32 -2.29
C PHE C 93 -36.03 56.01 -2.09
N PHE C 94 -35.44 54.91 -2.55
CA PHE C 94 -36.01 53.58 -2.33
C PHE C 94 -34.92 52.68 -1.79
N MET C 95 -35.07 52.27 -0.52
CA MET C 95 -34.04 51.51 0.18
C MET C 95 -34.58 50.15 0.56
N CYS C 96 -33.85 49.09 0.22
CA CYS C 96 -34.20 47.74 0.62
C CYS C 96 -32.98 47.05 1.23
N SER C 97 -33.24 46.16 2.17
CA SER C 97 -32.19 45.37 2.80
C SER C 97 -32.64 43.93 2.89
N CYS C 98 -31.71 43.01 2.60
CA CYS C 98 -32.00 41.58 2.62
C CYS C 98 -30.93 40.86 3.44
N SER C 99 -31.36 39.86 4.19
CA SER C 99 -30.46 38.96 4.90
C SER C 99 -30.46 37.55 4.35
N SER C 100 -31.50 37.17 3.59
CA SER C 100 -31.56 35.85 3.02
C SER C 100 -30.60 35.72 1.85
N ASP C 101 -30.34 34.47 1.45
CA ASP C 101 -29.45 34.21 0.34
C ASP C 101 -30.14 34.51 -0.99
N GLU C 102 -29.32 34.79 -2.01
CA GLU C 102 -29.80 34.95 -3.38
C GLU C 102 -30.84 36.06 -3.48
N CYS C 103 -30.39 37.29 -3.21
CA CYS C 103 -31.24 38.48 -3.35
C CYS C 103 -31.15 39.09 -4.74
N ASN C 104 -30.40 38.45 -5.65
CA ASN C 104 -30.26 38.92 -7.02
C ASN C 104 -31.23 38.23 -7.97
N ASP C 105 -32.09 37.36 -7.46
CA ASP C 105 -33.05 36.68 -8.34
C ASP C 105 -33.96 37.68 -9.03
N ASN C 106 -34.44 38.68 -8.29
CA ASN C 106 -35.25 39.75 -8.86
C ASN C 106 -35.21 40.93 -7.91
N ILE C 107 -35.56 42.10 -8.45
CA ILE C 107 -35.65 43.33 -7.67
C ILE C 107 -37.10 43.76 -7.63
N ILE C 108 -37.64 43.92 -6.43
CA ILE C 108 -39.04 44.29 -6.22
C ILE C 108 -39.07 45.68 -5.59
N PHE C 109 -39.78 46.60 -6.23
CA PHE C 109 -39.89 47.97 -5.76
C PHE C 109 -41.18 48.22 -4.99
N SER C 110 -42.27 47.60 -5.42
CA SER C 110 -43.55 47.72 -4.72
C SER C 110 -44.40 46.53 -5.07
N GLU C 111 -45.11 45.98 -4.07
CA GLU C 111 -45.97 44.84 -4.30
C GLU C 111 -47.08 45.18 -5.29
N GLU C 112 -47.70 46.34 -5.12
CA GLU C 112 -48.74 46.78 -6.05
C GLU C 112 -48.12 47.22 -7.36
N TYR C 113 -48.82 46.94 -8.46
CA TYR C 113 -48.36 47.31 -9.78
C TYR C 113 -48.75 48.76 -10.08
N VAL D 5 13.86 -17.06 -22.02
CA VAL D 5 12.60 -16.59 -21.44
C VAL D 5 12.89 -15.63 -20.29
N LYS D 6 12.21 -14.49 -20.29
CA LYS D 6 12.40 -13.52 -19.21
C LYS D 6 11.99 -14.10 -17.86
N PHE D 7 10.87 -14.82 -17.83
CA PHE D 7 10.41 -15.42 -16.59
C PHE D 7 10.87 -16.88 -16.52
N PRO D 8 11.74 -17.24 -15.57
CA PRO D 8 12.22 -18.63 -15.52
C PRO D 8 11.07 -19.61 -15.30
N GLN D 9 11.27 -20.83 -15.78
CA GLN D 9 10.24 -21.85 -15.68
C GLN D 9 9.93 -22.16 -14.24
N LEU D 10 8.64 -22.39 -13.94
CA LEU D 10 8.18 -22.78 -12.62
C LEU D 10 8.14 -24.31 -12.59
N CYS D 11 9.20 -24.91 -12.06
CA CYS D 11 9.37 -26.37 -12.11
C CYS D 11 9.19 -26.96 -10.72
N LYS D 12 8.60 -28.14 -10.67
CA LYS D 12 8.57 -28.89 -9.42
C LYS D 12 10.00 -29.32 -9.07
N PHE D 13 10.43 -28.99 -7.86
CA PHE D 13 11.83 -29.11 -7.47
C PHE D 13 11.98 -29.96 -6.22
N CYS D 14 11.31 -31.10 -6.19
CA CYS D 14 11.54 -32.11 -5.18
C CYS D 14 12.70 -32.99 -5.61
N ASP D 15 13.64 -33.22 -4.70
CA ASP D 15 14.82 -34.00 -5.00
C ASP D 15 14.46 -35.49 -4.96
N VAL D 16 15.49 -36.35 -4.99
CA VAL D 16 15.25 -37.79 -5.06
C VAL D 16 14.29 -38.22 -3.96
N ARG D 17 13.29 -39.01 -4.34
CA ARG D 17 12.33 -39.54 -3.38
C ARG D 17 11.66 -40.76 -3.99
N PHE D 18 11.00 -41.53 -3.14
CA PHE D 18 10.27 -42.70 -3.59
C PHE D 18 9.12 -42.30 -4.51
N SER D 19 8.77 -43.20 -5.43
CA SER D 19 7.71 -42.96 -6.39
C SER D 19 6.79 -44.18 -6.44
N THR D 20 5.56 -43.95 -6.91
CA THR D 20 4.55 -45.00 -6.97
C THR D 20 4.25 -45.46 -8.39
N CYS D 21 4.46 -44.60 -9.40
CA CYS D 21 4.19 -44.95 -10.78
C CYS D 21 5.47 -45.43 -11.45
N ASP D 22 5.40 -46.60 -12.10
CA ASP D 22 6.55 -47.22 -12.74
C ASP D 22 6.25 -47.38 -14.22
N ASN D 23 7.08 -46.77 -15.06
CA ASN D 23 6.97 -46.87 -16.52
C ASN D 23 5.56 -46.56 -17.02
N GLN D 24 4.81 -45.79 -16.25
CA GLN D 24 3.44 -45.45 -16.65
C GLN D 24 3.46 -44.57 -17.89
N LYS D 25 2.43 -44.74 -18.72
CA LYS D 25 2.35 -43.94 -19.94
C LYS D 25 2.31 -42.45 -19.61
N SER D 26 1.54 -42.08 -18.58
CA SER D 26 1.50 -40.72 -18.07
C SER D 26 1.42 -40.77 -16.56
N CYS D 27 2.19 -39.90 -15.90
CA CYS D 27 2.23 -39.88 -14.45
C CYS D 27 2.48 -38.45 -13.97
N MET D 28 2.21 -38.22 -12.70
CA MET D 28 2.37 -36.91 -12.08
C MET D 28 3.44 -37.00 -10.99
N SER D 29 4.29 -35.97 -10.92
CA SER D 29 5.41 -35.98 -10.00
C SER D 29 4.99 -36.03 -8.55
N ASN D 30 3.78 -35.55 -8.22
CA ASN D 30 3.32 -35.50 -6.83
C ASN D 30 4.31 -34.75 -5.95
N CYS D 31 4.88 -33.67 -6.49
CA CYS D 31 5.84 -32.84 -5.77
C CYS D 31 5.14 -31.59 -5.26
N SER D 32 5.28 -31.33 -3.96
CA SER D 32 4.61 -30.21 -3.32
C SER D 32 5.38 -28.90 -3.43
N ILE D 33 6.59 -28.93 -3.98
CA ILE D 33 7.43 -27.74 -4.12
C ILE D 33 7.44 -27.35 -5.59
N THR D 34 6.98 -26.14 -5.88
CA THR D 34 6.95 -25.58 -7.24
C THR D 34 7.85 -24.35 -7.23
N SER D 35 9.12 -24.55 -7.50
CA SER D 35 10.13 -23.51 -7.36
C SER D 35 10.40 -22.83 -8.70
N ILE D 36 10.75 -21.54 -8.61
CA ILE D 36 11.23 -20.80 -9.76
C ILE D 36 12.68 -21.19 -10.01
N CYS D 37 12.99 -21.56 -11.24
CA CYS D 37 14.34 -22.00 -11.54
C CYS D 37 15.34 -20.89 -11.26
N GLU D 38 16.53 -21.28 -10.80
CA GLU D 38 17.55 -20.30 -10.44
C GLU D 38 17.87 -19.38 -11.61
N LYS D 39 17.86 -19.90 -12.82
CA LYS D 39 18.11 -19.14 -14.03
C LYS D 39 17.04 -19.43 -15.06
N PRO D 40 16.70 -18.45 -15.91
CA PRO D 40 15.72 -18.73 -16.97
C PRO D 40 16.20 -19.76 -17.96
N GLN D 41 17.50 -19.84 -18.24
CA GLN D 41 18.00 -20.75 -19.26
C GLN D 41 17.72 -22.20 -18.88
N GLU D 42 17.92 -22.56 -17.63
CA GLU D 42 17.65 -23.93 -17.20
C GLU D 42 16.16 -24.22 -17.28
N VAL D 43 15.84 -25.48 -17.56
CA VAL D 43 14.48 -25.95 -17.78
C VAL D 43 14.21 -27.09 -16.81
N CYS D 44 12.93 -27.47 -16.72
CA CYS D 44 12.55 -28.55 -15.82
C CYS D 44 13.15 -29.86 -16.32
N VAL D 45 13.68 -30.66 -15.39
CA VAL D 45 14.26 -31.95 -15.70
C VAL D 45 13.74 -32.96 -14.68
N ALA D 46 13.36 -34.13 -15.17
CA ALA D 46 12.89 -35.22 -14.33
C ALA D 46 13.68 -36.49 -14.66
N VAL D 47 14.08 -37.22 -13.62
CA VAL D 47 14.82 -38.45 -13.76
C VAL D 47 14.13 -39.52 -12.92
N TRP D 48 14.11 -40.75 -13.43
CA TRP D 48 13.43 -41.85 -12.77
C TRP D 48 14.34 -43.08 -12.84
N ARG D 49 14.78 -43.55 -11.68
CA ARG D 49 15.67 -44.69 -11.57
C ARG D 49 14.95 -45.86 -10.92
N LYS D 50 15.15 -47.04 -11.48
CA LYS D 50 14.56 -48.28 -10.97
C LYS D 50 15.67 -49.26 -10.65
N ASN D 51 15.67 -49.75 -9.42
CA ASN D 51 16.60 -50.77 -8.95
C ASN D 51 15.82 -52.01 -8.54
N ASP D 52 16.51 -52.97 -7.95
CA ASP D 52 15.88 -54.21 -7.49
C ASP D 52 15.23 -54.07 -6.12
N GLU D 53 15.31 -52.90 -5.49
CA GLU D 53 14.76 -52.71 -4.16
C GLU D 53 13.82 -51.52 -4.06
N ASN D 54 14.06 -50.46 -4.84
CA ASN D 54 13.24 -49.25 -4.74
C ASN D 54 13.34 -48.49 -6.06
N ILE D 55 12.41 -47.54 -6.23
CA ILE D 55 12.39 -46.66 -7.39
C ILE D 55 12.39 -45.22 -6.91
N THR D 56 13.26 -44.41 -7.52
CA THR D 56 13.44 -43.02 -7.13
C THR D 56 13.06 -42.11 -8.28
N LEU D 57 12.47 -40.96 -7.92
CA LEU D 57 12.08 -39.94 -8.89
C LEU D 57 12.61 -38.60 -8.41
N GLU D 58 13.32 -37.89 -9.29
CA GLU D 58 13.96 -36.62 -8.94
C GLU D 58 13.54 -35.57 -9.96
N THR D 59 13.00 -34.46 -9.45
CA THR D 59 12.58 -33.33 -10.29
C THR D 59 13.38 -32.11 -9.89
N VAL D 60 14.01 -31.45 -10.85
CA VAL D 60 14.85 -30.29 -10.56
C VAL D 60 14.80 -29.30 -11.72
N CYS D 61 15.47 -28.16 -11.55
CA CYS D 61 15.77 -27.24 -12.63
C CYS D 61 17.21 -27.48 -13.07
N HIS D 62 17.40 -27.80 -14.34
CA HIS D 62 18.74 -28.12 -14.83
C HIS D 62 18.95 -27.48 -16.20
N ASP D 63 20.20 -27.13 -16.48
CA ASP D 63 20.54 -26.57 -17.77
C ASP D 63 20.55 -27.68 -18.82
N PRO D 64 19.73 -27.60 -19.87
CA PRO D 64 19.78 -28.64 -20.90
C PRO D 64 21.14 -28.76 -21.57
N LYS D 65 21.89 -27.67 -21.68
CA LYS D 65 23.20 -27.74 -22.32
C LYS D 65 24.14 -28.63 -21.53
N LEU D 66 24.14 -28.51 -20.21
CA LEU D 66 24.99 -29.34 -19.38
C LEU D 66 24.38 -30.71 -19.20
N PRO D 67 25.09 -31.79 -19.53
CA PRO D 67 24.51 -33.12 -19.33
C PRO D 67 24.24 -33.41 -17.86
N TYR D 68 23.18 -34.16 -17.61
CA TYR D 68 22.77 -34.55 -16.27
C TYR D 68 22.84 -36.06 -16.14
N HIS D 69 23.48 -36.54 -15.08
CA HIS D 69 23.69 -37.97 -14.88
C HIS D 69 24.37 -38.59 -16.09
N ASP D 70 25.34 -37.89 -16.66
CA ASP D 70 26.06 -38.33 -17.85
C ASP D 70 25.08 -38.59 -19.00
N PHE D 71 24.36 -37.52 -19.37
CA PHE D 71 23.35 -37.62 -20.42
C PHE D 71 23.05 -36.23 -20.94
N ILE D 72 23.24 -36.02 -22.24
CA ILE D 72 22.93 -34.72 -22.84
C ILE D 72 21.42 -34.59 -23.01
N LEU D 73 20.93 -33.37 -22.88
CA LEU D 73 19.50 -33.09 -23.01
C LEU D 73 19.24 -32.45 -24.38
N GLU D 74 18.41 -33.10 -25.18
CA GLU D 74 18.03 -32.61 -26.50
C GLU D 74 16.56 -32.23 -26.59
N ASP D 75 15.76 -32.57 -25.59
CA ASP D 75 14.34 -32.26 -25.57
C ASP D 75 14.07 -31.02 -24.71
N ALA D 76 15.00 -30.06 -24.73
CA ALA D 76 14.86 -28.87 -23.91
C ALA D 76 13.63 -28.07 -24.33
N ALA D 77 13.42 -27.90 -25.64
CA ALA D 77 12.32 -27.09 -26.15
C ALA D 77 11.00 -27.85 -26.20
N SER D 78 11.00 -29.12 -25.81
CA SER D 78 9.78 -29.90 -25.85
C SER D 78 8.71 -29.25 -24.97
N PRO D 79 7.53 -28.94 -25.50
CA PRO D 79 6.47 -28.39 -24.63
C PRO D 79 6.11 -29.32 -23.49
N LYS D 80 6.23 -30.63 -23.69
CA LYS D 80 5.96 -31.62 -22.66
C LYS D 80 7.24 -32.41 -22.38
N CYS D 81 7.35 -32.91 -21.15
CA CYS D 81 8.52 -33.67 -20.72
C CYS D 81 8.46 -35.05 -21.38
N ILE D 82 9.15 -35.17 -22.51
CA ILE D 82 9.21 -36.43 -23.25
C ILE D 82 10.34 -37.27 -22.64
N MET D 83 10.00 -38.51 -22.29
CA MET D 83 10.90 -39.35 -21.50
C MET D 83 11.72 -40.26 -22.43
N LYS D 84 13.03 -40.24 -22.24
CA LYS D 84 13.95 -41.10 -22.97
C LYS D 84 14.63 -42.05 -22.00
N GLU D 85 14.72 -43.32 -22.38
CA GLU D 85 15.39 -44.33 -21.58
C GLU D 85 16.87 -44.35 -21.92
N LYS D 86 17.71 -44.47 -20.89
CA LYS D 86 19.15 -44.44 -21.03
C LYS D 86 19.75 -45.80 -20.72
N LYS D 87 21.05 -45.94 -21.03
CA LYS D 87 21.76 -47.21 -20.90
C LYS D 87 22.48 -47.32 -19.55
N LYS D 88 21.91 -46.74 -18.50
CA LYS D 88 22.54 -46.82 -17.19
C LYS D 88 22.69 -48.29 -16.79
N PRO D 89 23.90 -48.74 -16.45
CA PRO D 89 24.09 -50.16 -16.16
C PRO D 89 23.27 -50.62 -14.96
N GLY D 90 22.76 -51.85 -15.06
CA GLY D 90 22.04 -52.46 -13.97
C GLY D 90 20.66 -51.89 -13.74
N GLU D 91 20.59 -50.65 -13.27
CA GLU D 91 19.33 -49.99 -13.00
C GLU D 91 18.72 -49.45 -14.28
N THR D 92 17.40 -49.34 -14.29
CA THR D 92 16.68 -48.76 -15.42
C THR D 92 16.57 -47.26 -15.23
N PHE D 93 17.04 -46.50 -16.22
CA PHE D 93 17.15 -45.05 -16.10
C PHE D 93 16.28 -44.39 -17.17
N PHE D 94 15.45 -43.44 -16.73
CA PHE D 94 14.63 -42.64 -17.63
C PHE D 94 14.85 -41.17 -17.30
N MET D 95 14.79 -40.32 -18.32
CA MET D 95 15.02 -38.90 -18.11
C MET D 95 14.29 -38.10 -19.17
N CYS D 96 13.65 -37.01 -18.73
CA CYS D 96 12.96 -36.09 -19.62
C CYS D 96 13.29 -34.66 -19.22
N SER D 97 13.21 -33.76 -20.21
CA SER D 97 13.43 -32.34 -19.98
C SER D 97 12.38 -31.56 -20.74
N CYS D 98 11.99 -30.41 -20.19
CA CYS D 98 10.93 -29.62 -20.79
C CYS D 98 11.04 -28.17 -20.33
N SER D 99 10.65 -27.25 -21.22
CA SER D 99 10.77 -25.82 -21.00
C SER D 99 9.47 -25.16 -20.54
N SER D 100 8.38 -25.92 -20.40
CA SER D 100 7.14 -25.34 -19.94
C SER D 100 7.11 -25.27 -18.42
N ASP D 101 6.14 -24.55 -17.87
CA ASP D 101 6.05 -24.31 -16.43
C ASP D 101 5.38 -25.51 -15.76
N GLU D 102 6.00 -26.01 -14.70
CA GLU D 102 5.51 -27.19 -13.98
C GLU D 102 5.37 -28.39 -14.92
N CYS D 103 6.10 -28.36 -16.03
CA CYS D 103 5.99 -29.42 -17.02
C CYS D 103 6.56 -30.74 -16.52
N ASN D 104 7.65 -30.71 -15.76
CA ASN D 104 8.18 -31.94 -15.19
C ASN D 104 7.21 -32.57 -14.20
N ASP D 105 6.21 -31.81 -13.74
CA ASP D 105 5.22 -32.38 -12.84
C ASP D 105 4.53 -33.58 -13.47
N ASN D 106 4.13 -33.45 -14.74
CA ASN D 106 3.53 -34.56 -15.49
C ASN D 106 4.62 -35.30 -16.23
N ILE D 107 4.71 -36.61 -15.99
CA ILE D 107 5.76 -37.46 -16.53
C ILE D 107 5.13 -38.49 -17.46
N ILE D 108 5.66 -38.60 -18.67
CA ILE D 108 5.20 -39.55 -19.67
C ILE D 108 6.37 -40.43 -20.06
N PHE D 109 6.45 -41.62 -19.45
CA PHE D 109 7.50 -42.56 -19.82
C PHE D 109 7.36 -42.99 -21.28
N SER D 110 6.13 -43.25 -21.72
CA SER D 110 5.89 -43.60 -23.12
C SER D 110 4.46 -43.18 -23.45
N GLU D 111 4.32 -42.03 -24.12
CA GLU D 111 2.99 -41.53 -24.46
C GLU D 111 2.30 -42.45 -25.47
N GLU D 112 3.07 -43.32 -26.13
CA GLU D 112 2.49 -44.21 -27.12
C GLU D 112 1.38 -45.05 -26.51
N TYR D 113 0.28 -45.18 -27.26
CA TYR D 113 -0.87 -45.96 -26.81
C TYR D 113 -1.50 -45.36 -25.56
N CYS E 4 30.10 14.87 -6.51
CA CYS E 4 29.50 13.73 -5.82
C CYS E 4 30.11 12.42 -6.32
N GLU E 5 31.32 12.11 -5.85
CA GLU E 5 31.99 10.88 -6.22
C GLU E 5 31.35 9.71 -5.50
N LEU E 6 31.04 8.64 -6.24
CA LEU E 6 30.43 7.45 -5.66
C LEU E 6 31.44 6.75 -4.78
N LEU E 7 31.28 6.89 -3.46
CA LEU E 7 32.18 6.32 -2.47
C LEU E 7 31.37 5.56 -1.44
N PRO E 8 31.99 4.60 -0.74
CA PRO E 8 31.23 3.82 0.25
C PRO E 8 30.61 4.72 1.30
N VAL E 9 29.40 4.35 1.72
CA VAL E 9 28.66 5.12 2.71
C VAL E 9 29.23 4.81 4.10
N GLY E 10 29.51 5.86 4.87
CA GLY E 10 30.04 5.70 6.21
C GLY E 10 28.97 5.31 7.21
N VAL E 11 29.43 4.89 8.39
CA VAL E 11 28.51 4.47 9.45
C VAL E 11 27.68 5.65 9.94
N GLY E 12 28.29 6.82 10.02
CA GLY E 12 27.59 8.00 10.52
C GLY E 12 26.68 8.66 9.51
N HIS E 13 26.62 8.14 8.28
CA HIS E 13 25.77 8.73 7.27
C HIS E 13 24.31 8.70 7.72
N PRO E 14 23.54 9.75 7.46
CA PRO E 14 22.12 9.75 7.89
C PRO E 14 21.29 8.65 7.25
N VAL E 15 21.74 8.06 6.14
CA VAL E 15 21.05 6.97 5.48
C VAL E 15 21.85 5.69 5.71
N GLN E 16 21.22 4.71 6.34
CA GLN E 16 21.85 3.41 6.59
C GLN E 16 21.02 2.35 5.88
N ALA E 17 21.68 1.54 5.06
CA ALA E 17 21.01 0.54 4.23
C ALA E 17 21.20 -0.84 4.82
N MET E 18 20.09 -1.50 5.17
CA MET E 18 20.10 -2.84 5.72
C MET E 18 19.18 -3.73 4.90
N LEU E 19 19.53 -5.01 4.86
CA LEU E 19 18.70 -6.05 4.28
C LEU E 19 18.06 -6.83 5.42
N LYS E 20 16.74 -6.97 5.37
CA LYS E 20 15.97 -7.68 6.38
C LYS E 20 15.32 -8.90 5.73
N SER E 21 15.44 -10.05 6.39
CA SER E 21 14.91 -11.29 5.84
C SER E 21 14.43 -12.18 6.97
N PHE E 22 13.35 -12.91 6.69
CA PHE E 22 12.81 -13.90 7.61
C PHE E 22 13.18 -15.30 7.10
N THR E 23 13.94 -16.04 7.90
CA THR E 23 14.41 -17.35 7.47
C THR E 23 14.70 -18.22 8.69
N ALA E 24 14.76 -19.52 8.46
CA ALA E 24 15.09 -20.49 9.49
C ALA E 24 16.12 -21.46 8.92
N LEU E 25 17.06 -21.90 9.77
CA LEU E 25 18.07 -22.85 9.30
C LEU E 25 17.42 -24.14 8.84
N SER E 26 16.42 -24.62 9.59
CA SER E 26 15.69 -25.82 9.21
C SER E 26 14.51 -25.96 10.17
N GLY E 27 13.69 -26.99 9.94
CA GLY E 27 12.62 -27.26 10.87
C GLY E 27 11.58 -28.17 10.26
N CYS E 28 10.57 -28.46 11.06
CA CYS E 28 9.44 -29.29 10.67
C CYS E 28 8.25 -28.89 11.53
N ALA E 29 7.06 -29.28 11.08
CA ALA E 29 5.84 -29.02 11.84
C ALA E 29 5.00 -30.29 11.80
N SER E 30 4.16 -30.44 12.82
CA SER E 30 3.31 -31.62 12.91
C SER E 30 2.01 -31.25 13.60
N ARG E 31 0.90 -31.72 13.06
CA ARG E 31 -0.41 -31.54 13.67
C ARG E 31 -0.83 -32.73 14.52
N GLY E 32 0.04 -33.74 14.67
CA GLY E 32 -0.31 -34.93 15.42
C GLY E 32 -0.33 -34.74 16.93
N THR E 33 0.18 -33.61 17.42
CA THR E 33 0.15 -33.31 18.84
C THR E 33 -1.22 -32.86 19.33
N THR E 34 -2.24 -32.91 18.47
CA THR E 34 -3.58 -32.54 18.90
C THR E 34 -4.06 -33.44 20.03
N SER E 35 -3.80 -34.74 19.91
CA SER E 35 -4.18 -35.66 20.97
C SER E 35 -3.46 -35.34 22.27
N HIS E 36 -2.17 -35.01 22.18
CA HIS E 36 -1.40 -34.69 23.37
C HIS E 36 -1.98 -33.44 24.05
N PRO E 37 -2.22 -33.48 25.35
CA PRO E 37 -2.76 -32.29 26.03
C PRO E 37 -1.78 -31.13 26.05
N GLN E 38 -0.51 -31.37 25.76
CA GLN E 38 0.52 -30.34 25.80
C GLN E 38 1.22 -30.28 24.46
N GLU E 39 1.45 -29.05 23.99
CA GLU E 39 2.15 -28.83 22.72
C GLU E 39 3.58 -28.41 22.98
N VAL E 40 4.48 -28.93 22.16
CA VAL E 40 5.92 -28.71 22.32
C VAL E 40 6.44 -28.02 21.08
N HIS E 41 7.17 -26.91 21.28
CA HIS E 41 7.84 -26.20 20.20
C HIS E 41 9.31 -26.10 20.54
N ILE E 42 10.17 -26.35 19.56
CA ILE E 42 11.61 -26.37 19.76
C ILE E 42 12.23 -25.26 18.94
N ILE E 43 13.08 -24.46 19.57
CA ILE E 43 13.79 -23.38 18.89
C ILE E 43 15.28 -23.64 19.10
N ASN E 44 15.89 -24.37 18.16
CA ASN E 44 17.30 -24.74 18.27
C ASN E 44 18.13 -23.57 17.78
N LEU E 45 18.32 -22.59 18.64
CA LEU E 45 19.15 -21.44 18.30
C LEU E 45 20.58 -21.88 18.02
N ARG E 46 21.21 -21.20 17.06
CA ARG E 46 22.59 -21.44 16.71
C ARG E 46 23.36 -20.12 16.80
N LYS E 47 24.50 -20.16 17.50
CA LYS E 47 25.31 -18.96 17.65
C LYS E 47 25.81 -18.49 16.30
N GLY E 48 25.68 -17.19 16.04
CA GLY E 48 26.12 -16.63 14.79
C GLY E 48 27.61 -16.35 14.77
N SER E 49 28.10 -16.00 13.57
CA SER E 49 29.51 -15.67 13.39
C SER E 49 29.87 -14.30 13.92
N ALA E 50 28.89 -13.48 14.28
CA ALA E 50 29.17 -12.14 14.80
C ALA E 50 29.96 -12.23 16.10
N GLN E 51 30.95 -11.35 16.25
CA GLN E 51 31.80 -11.32 17.43
C GLN E 51 31.32 -10.34 18.48
N GLY E 52 30.16 -9.72 18.30
CA GLY E 52 29.65 -8.74 19.24
C GLY E 52 29.10 -9.33 20.53
N ALA E 53 28.87 -10.64 20.57
CA ALA E 53 28.36 -11.30 21.77
C ALA E 53 29.52 -12.04 22.43
N ARG E 54 30.20 -11.37 23.37
CA ARG E 54 31.33 -11.93 24.07
C ARG E 54 31.07 -12.10 25.56
N GLU E 55 30.66 -11.03 26.25
CA GLU E 55 30.45 -11.07 27.69
C GLU E 55 28.97 -10.96 28.06
N LYS E 56 28.28 -9.94 27.56
CA LYS E 56 26.88 -9.75 27.90
C LYS E 56 26.06 -10.98 27.52
N THR E 57 25.18 -11.41 28.43
CA THR E 57 24.31 -12.55 28.19
C THR E 57 23.22 -12.15 27.21
N ALA E 58 23.20 -12.79 26.05
CA ALA E 58 22.20 -12.46 25.04
C ALA E 58 20.80 -12.70 25.58
N GLU E 59 19.93 -11.72 25.37
CA GLU E 59 18.53 -11.79 25.78
C GLU E 59 17.66 -11.81 24.53
N VAL E 60 16.87 -12.86 24.38
CA VAL E 60 16.04 -13.06 23.20
C VAL E 60 14.58 -12.91 23.60
N ALA E 61 13.85 -12.09 22.86
CA ALA E 61 12.42 -11.91 23.08
C ALA E 61 11.65 -13.03 22.38
N LEU E 62 10.33 -12.91 22.40
CA LEU E 62 9.47 -13.90 21.77
C LEU E 62 8.13 -13.26 21.45
N HIS E 63 7.59 -13.58 20.28
CA HIS E 63 6.33 -13.05 19.82
C HIS E 63 5.39 -14.20 19.49
N LEU E 64 4.43 -14.44 20.37
CA LEU E 64 3.49 -15.54 20.23
C LEU E 64 2.14 -15.01 19.78
N ARG E 65 1.60 -15.62 18.72
CA ARG E 65 0.33 -15.21 18.16
C ARG E 65 -0.45 -16.45 17.76
N PRO E 66 -1.78 -16.42 17.81
CA PRO E 66 -2.55 -17.53 17.24
C PRO E 66 -2.30 -17.64 15.74
N ILE E 67 -2.38 -18.86 15.24
CA ILE E 67 -2.22 -19.12 13.81
C ILE E 67 -3.37 -18.44 13.06
N GLN E 68 -3.23 -18.31 11.75
CA GLN E 68 -4.25 -17.61 10.96
C GLN E 68 -5.63 -18.24 11.15
N SER E 69 -5.69 -19.54 11.43
CA SER E 69 -6.95 -20.25 11.57
C SER E 69 -7.50 -20.17 12.99
N LEU E 70 -6.78 -19.56 13.93
CA LEU E 70 -7.22 -19.43 15.31
C LEU E 70 -7.18 -17.98 15.74
N HIS E 71 -8.17 -17.58 16.55
CA HIS E 71 -8.23 -16.23 17.07
C HIS E 71 -7.72 -16.15 18.50
N VAL E 72 -8.03 -17.15 19.32
CA VAL E 72 -7.57 -17.21 20.71
C VAL E 72 -7.04 -18.61 20.99
N HIS E 73 -5.88 -18.68 21.64
CA HIS E 73 -5.25 -19.94 21.98
C HIS E 73 -5.24 -20.11 23.49
N GLN E 74 -5.69 -21.29 23.95
CA GLN E 74 -5.78 -21.57 25.38
C GLN E 74 -5.06 -22.83 25.80
N LYS E 75 -4.73 -23.73 24.88
CA LYS E 75 -4.10 -24.98 25.25
C LYS E 75 -2.70 -24.72 25.82
N PRO E 76 -2.26 -25.51 26.80
CA PRO E 76 -0.90 -25.33 27.33
C PRO E 76 0.14 -25.48 26.22
N LEU E 77 1.19 -24.66 26.30
CA LEU E 77 2.25 -24.63 25.29
C LEU E 77 3.59 -24.84 25.98
N VAL E 78 4.24 -25.96 25.71
CA VAL E 78 5.58 -26.22 26.19
C VAL E 78 6.58 -25.74 25.15
N PHE E 79 7.64 -25.10 25.61
CA PHE E 79 8.67 -24.54 24.73
C PHE E 79 10.02 -25.09 25.17
N ILE E 80 10.59 -25.98 24.37
CA ILE E 80 11.92 -26.52 24.61
C ILE E 80 12.89 -25.57 23.92
N LEU E 81 13.26 -24.50 24.63
CA LEU E 81 14.03 -23.41 24.04
C LEU E 81 15.51 -23.68 24.26
N ASN E 82 16.01 -24.75 23.63
CA ASN E 82 17.42 -25.07 23.72
C ASN E 82 18.24 -23.97 23.07
N SER E 83 19.33 -23.59 23.73
CA SER E 83 20.22 -22.56 23.20
C SER E 83 21.67 -22.94 23.47
N PRO E 84 22.62 -22.47 22.66
CA PRO E 84 24.04 -22.74 22.96
C PRO E 84 24.49 -22.15 24.27
N GLN E 85 23.92 -21.04 24.71
CA GLN E 85 24.33 -20.36 25.92
C GLN E 85 23.09 -19.89 26.66
N PRO E 86 23.22 -19.55 27.95
CA PRO E 86 22.06 -19.03 28.69
C PRO E 86 21.50 -17.79 28.01
N ILE E 87 20.17 -17.69 28.00
CA ILE E 87 19.47 -16.58 27.35
C ILE E 87 18.29 -16.18 28.20
N LEU E 88 17.99 -14.88 28.22
CA LEU E 88 16.78 -14.36 28.86
C LEU E 88 15.65 -14.38 27.84
N TRP E 89 14.59 -15.13 28.15
CA TRP E 89 13.46 -15.29 27.26
C TRP E 89 12.37 -14.31 27.64
N LYS E 90 12.35 -13.16 26.97
CA LYS E 90 11.33 -12.15 27.16
C LYS E 90 10.12 -12.51 26.33
N VAL E 91 9.19 -13.25 26.94
CA VAL E 91 8.06 -13.83 26.24
C VAL E 91 7.02 -12.72 26.10
N ARG E 92 7.11 -11.97 25.00
CA ARG E 92 6.19 -10.88 24.71
C ARG E 92 4.96 -11.49 24.03
N THR E 93 4.14 -12.18 24.81
CA THR E 93 2.98 -12.88 24.27
C THR E 93 2.06 -11.90 23.56
N GLU E 94 1.09 -12.45 22.82
CA GLU E 94 0.15 -11.63 22.08
C GLU E 94 -1.06 -12.47 21.67
N LYS E 95 -2.26 -11.99 21.99
CA LYS E 95 -3.49 -12.70 21.65
C LYS E 95 -3.48 -14.12 22.22
N LEU E 96 -2.94 -14.26 23.43
CA LEU E 96 -2.91 -15.53 24.14
C LEU E 96 -3.70 -15.40 25.43
N ALA E 97 -4.58 -16.36 25.69
CA ALA E 97 -5.39 -16.30 26.89
C ALA E 97 -4.52 -16.41 28.15
N PRO E 98 -4.75 -15.56 29.14
CA PRO E 98 -3.95 -15.64 30.36
C PRO E 98 -4.34 -16.84 31.21
N GLY E 99 -3.43 -17.20 32.12
CA GLY E 99 -3.65 -18.31 33.02
C GLY E 99 -3.33 -19.68 32.46
N VAL E 100 -2.83 -19.75 31.23
CA VAL E 100 -2.49 -21.03 30.61
C VAL E 100 -1.05 -21.36 30.99
N LYS E 101 -0.84 -22.56 31.53
CA LYS E 101 0.50 -22.99 31.90
C LYS E 101 1.39 -23.06 30.68
N ARG E 102 2.61 -22.54 30.80
CA ARG E 102 3.59 -22.51 29.71
C ARG E 102 4.93 -22.94 30.29
N ILE E 103 5.27 -24.20 30.11
CA ILE E 103 6.52 -24.74 30.64
C ILE E 103 7.63 -24.47 29.64
N PHE E 104 8.63 -23.70 30.06
CA PHE E 104 9.75 -23.32 29.21
C PHE E 104 10.97 -24.11 29.66
N HIS E 105 11.22 -25.22 28.99
CA HIS E 105 12.41 -26.03 29.26
C HIS E 105 13.60 -25.34 28.62
N VAL E 106 14.47 -24.78 29.45
CA VAL E 106 15.56 -23.93 28.99
C VAL E 106 16.87 -24.45 29.58
N VAL E 107 17.97 -24.08 28.93
CA VAL E 107 19.30 -24.49 29.37
C VAL E 107 19.62 -23.82 30.69
N GLU E 108 20.67 -24.28 31.36
CA GLU E 108 21.05 -23.71 32.64
C GLU E 108 21.36 -22.22 32.49
N GLY E 109 20.84 -21.43 33.43
CA GLY E 109 21.09 -20.01 33.46
C GLY E 109 20.12 -19.16 32.66
N SER E 110 19.22 -19.78 31.91
CA SER E 110 18.25 -19.05 31.10
C SER E 110 17.01 -18.74 31.92
N GLU E 111 16.52 -17.50 31.78
CA GLU E 111 15.38 -17.02 32.55
C GLU E 111 14.24 -16.72 31.58
N VAL E 112 13.02 -16.77 32.11
CA VAL E 112 11.81 -16.48 31.33
C VAL E 112 11.14 -15.26 31.95
N HIS E 113 10.95 -14.22 31.14
CA HIS E 113 10.34 -12.99 31.59
C HIS E 113 9.11 -12.69 30.74
N PHE E 114 8.06 -12.21 31.39
CA PHE E 114 6.79 -11.92 30.73
C PHE E 114 6.45 -10.46 30.90
N GLU E 115 5.85 -9.85 29.88
CA GLU E 115 5.47 -8.45 29.95
C GLU E 115 4.50 -8.16 31.08
N VAL E 116 3.50 -9.00 31.26
CA VAL E 116 2.50 -8.83 32.32
C VAL E 116 2.70 -10.01 33.27
N GLY E 117 2.73 -9.72 34.57
CA GLY E 117 2.97 -10.74 35.57
C GLY E 117 2.01 -11.90 35.54
N ASN E 118 0.79 -11.70 35.04
CA ASN E 118 -0.18 -12.78 35.00
C ASN E 118 0.40 -14.02 34.32
N PHE E 119 1.09 -13.82 33.19
CA PHE E 119 1.73 -14.94 32.52
C PHE E 119 2.82 -15.59 33.35
N SER E 120 3.65 -14.79 34.03
CA SER E 120 4.70 -15.38 34.86
C SER E 120 4.12 -16.18 36.02
N LYS E 121 3.07 -15.67 36.65
CA LYS E 121 2.45 -16.41 37.75
C LYS E 121 1.87 -17.73 37.29
N SER E 122 1.18 -17.74 36.14
CA SER E 122 0.63 -18.97 35.59
C SER E 122 1.65 -19.86 34.91
N GLY E 123 2.66 -19.29 34.27
CA GLY E 123 3.67 -20.09 33.60
C GLY E 123 4.64 -20.71 34.58
N GLU E 124 5.43 -21.66 34.06
CA GLU E 124 6.45 -22.33 34.83
C GLU E 124 7.73 -22.38 34.01
N VAL E 125 8.86 -22.43 34.71
CA VAL E 125 10.17 -22.48 34.09
C VAL E 125 10.90 -23.68 34.69
N LYS E 126 11.26 -24.64 33.85
CA LYS E 126 12.04 -25.79 34.26
C LYS E 126 13.39 -25.76 33.54
N VAL E 127 14.46 -25.94 34.29
CA VAL E 127 15.81 -25.91 33.74
C VAL E 127 16.25 -27.34 33.53
N GLU E 128 16.62 -27.67 32.30
CA GLU E 128 17.03 -29.02 31.93
C GLU E 128 18.25 -28.93 31.01
N THR E 129 19.03 -30.00 31.00
CA THR E 129 20.17 -30.12 30.09
C THR E 129 19.71 -30.91 28.86
N LEU E 130 19.89 -30.32 27.68
CA LEU E 130 19.38 -30.90 26.46
C LEU E 130 20.48 -31.03 25.43
N PRO E 131 20.40 -32.03 24.55
CA PRO E 131 21.45 -32.24 23.55
C PRO E 131 21.48 -31.11 22.53
N HIS E 132 22.68 -30.82 22.03
CA HIS E 132 22.83 -29.82 20.98
C HIS E 132 22.26 -30.32 19.65
N GLY E 133 22.46 -31.60 19.34
CA GLY E 133 22.00 -32.11 18.06
C GLY E 133 20.50 -31.97 17.90
N ASN E 134 20.10 -31.59 16.68
CA ASN E 134 18.68 -31.45 16.39
C ASN E 134 17.96 -32.78 16.51
N GLU E 135 18.54 -33.85 15.97
CA GLU E 135 17.92 -35.17 16.07
C GLU E 135 17.88 -35.63 17.52
N HIS E 136 18.97 -35.43 18.26
CA HIS E 136 18.99 -35.82 19.66
C HIS E 136 17.97 -35.03 20.47
N LEU E 137 17.86 -33.72 20.19
CA LEU E 137 16.88 -32.91 20.90
C LEU E 137 15.46 -33.37 20.58
N LEU E 138 15.19 -33.69 19.31
CA LEU E 138 13.88 -34.20 18.94
C LEU E 138 13.58 -35.53 19.63
N ASN E 139 14.59 -36.41 19.71
CA ASN E 139 14.40 -37.67 20.41
C ASN E 139 14.11 -37.45 21.89
N TRP E 140 14.82 -36.50 22.52
CA TRP E 140 14.55 -36.19 23.91
C TRP E 140 13.12 -35.67 24.09
N ALA E 141 12.69 -34.80 23.17
CA ALA E 141 11.33 -34.28 23.25
C ALA E 141 10.30 -35.39 23.10
N HIS E 142 10.54 -36.32 22.16
CA HIS E 142 9.63 -37.45 22.00
C HIS E 142 9.60 -38.31 23.25
N HIS E 143 10.78 -38.57 23.83
CA HIS E 143 10.85 -39.40 25.03
C HIS E 143 10.11 -38.78 26.20
N ARG E 144 10.26 -37.47 26.43
CA ARG E 144 9.59 -36.83 27.56
C ARG E 144 8.18 -36.36 27.27
N TYR E 145 7.72 -36.37 26.02
CA TYR E 145 6.38 -35.93 25.68
C TYR E 145 5.65 -36.81 24.68
N THR E 146 6.33 -37.72 24.00
CA THR E 146 5.78 -38.68 23.04
C THR E 146 5.46 -38.03 21.70
N ALA E 147 5.61 -36.71 21.56
CA ALA E 147 5.33 -36.05 20.29
C ALA E 147 5.75 -34.60 20.40
N VAL E 148 6.06 -34.01 19.25
CA VAL E 148 6.48 -32.61 19.16
C VAL E 148 5.60 -31.91 18.15
N THR E 149 4.97 -30.81 18.56
CA THR E 149 4.11 -30.07 17.66
C THR E 149 4.91 -29.47 16.50
N SER E 150 6.10 -28.94 16.78
CA SER E 150 6.94 -28.39 15.73
C SER E 150 8.35 -28.23 16.25
N PHE E 151 9.31 -28.32 15.33
CA PHE E 151 10.71 -28.09 15.63
C PHE E 151 11.24 -27.05 14.68
N SER E 152 12.19 -26.24 15.15
CA SER E 152 12.74 -25.18 14.33
C SER E 152 14.16 -24.89 14.78
N GLU E 153 15.10 -25.08 13.85
CA GLU E 153 16.48 -24.68 14.04
C GLU E 153 16.67 -23.32 13.39
N LEU E 154 16.94 -22.31 14.21
CA LEU E 154 17.06 -20.94 13.75
C LEU E 154 18.42 -20.41 14.19
N ARG E 155 18.97 -19.49 13.40
CA ARG E 155 20.20 -18.82 13.76
C ARG E 155 19.89 -17.82 14.88
N MET E 156 20.92 -17.47 15.64
CA MET E 156 20.72 -16.55 16.76
C MET E 156 20.12 -15.24 16.28
N ALA E 157 19.11 -14.76 16.99
CA ALA E 157 18.41 -13.54 16.61
C ALA E 157 17.88 -12.88 17.88
N HIS E 158 17.37 -11.65 17.74
CA HIS E 158 16.79 -10.92 18.85
C HIS E 158 15.31 -11.15 19.04
N ASP E 159 14.56 -11.48 17.98
CA ASP E 159 13.14 -11.76 18.08
C ASP E 159 12.85 -13.03 17.30
N ILE E 160 11.79 -13.72 17.72
CA ILE E 160 11.37 -14.95 17.06
C ILE E 160 9.85 -14.99 17.04
N TYR E 161 9.27 -14.81 15.85
CA TYR E 161 7.82 -14.76 15.68
C TYR E 161 7.30 -16.18 15.51
N ILE E 162 6.45 -16.60 16.43
CA ILE E 162 5.88 -17.94 16.44
C ILE E 162 4.36 -17.81 16.43
N LYS E 163 3.71 -18.56 15.55
CA LYS E 163 2.25 -18.62 15.50
C LYS E 163 1.83 -19.92 16.18
N VAL E 164 1.58 -19.84 17.49
CA VAL E 164 1.21 -21.02 18.25
C VAL E 164 -0.08 -21.59 17.70
N GLY E 165 -0.08 -22.90 17.47
CA GLY E 165 -1.24 -23.59 16.94
C GLY E 165 -0.79 -24.68 15.98
N GLU E 166 -1.66 -25.69 15.84
CA GLU E 166 -1.36 -26.84 14.95
C GLU E 166 -1.96 -26.56 13.57
N ASP E 167 -1.10 -26.28 12.58
CA ASP E 167 -1.54 -25.98 11.23
C ASP E 167 -2.03 -27.25 10.56
N PRO E 168 -3.29 -27.31 10.11
CA PRO E 168 -3.79 -28.55 9.48
C PRO E 168 -3.06 -28.92 8.21
N VAL E 169 -2.44 -27.96 7.53
CA VAL E 169 -1.74 -28.27 6.27
C VAL E 169 -0.62 -29.26 6.51
N PHE E 170 0.16 -29.04 7.56
CA PHE E 170 1.28 -29.93 7.88
C PHE E 170 0.75 -31.28 8.34
N SER E 171 1.50 -32.33 8.00
CA SER E 171 1.10 -33.68 8.33
C SER E 171 1.22 -33.92 9.83
N GLU E 172 0.91 -35.16 10.25
CA GLU E 172 0.97 -35.53 11.65
C GLU E 172 2.37 -35.96 12.09
N THR E 173 3.34 -35.99 11.18
CA THR E 173 4.69 -36.41 11.51
C THR E 173 5.67 -35.27 11.22
N CYS E 174 6.62 -35.11 12.13
CA CYS E 174 7.63 -34.06 12.03
C CYS E 174 8.95 -34.70 11.62
N LYS E 175 9.52 -34.21 10.53
CA LYS E 175 10.82 -34.68 10.06
C LYS E 175 11.65 -33.47 9.65
N ILE E 176 12.80 -33.31 10.29
CA ILE E 176 13.63 -32.14 10.03
C ILE E 176 14.05 -32.15 8.57
N ASP E 177 13.58 -31.15 7.82
CA ASP E 177 13.87 -31.02 6.40
C ASP E 177 14.46 -29.65 6.14
N ASN E 178 15.67 -29.61 5.57
CA ASN E 178 16.33 -28.35 5.33
C ASN E 178 15.57 -27.46 4.36
N LYS E 179 14.70 -28.04 3.54
CA LYS E 179 13.89 -27.28 2.60
C LYS E 179 12.53 -26.87 3.16
N PHE E 180 12.28 -27.13 4.44
CA PHE E 180 11.01 -26.75 5.05
C PHE E 180 11.11 -25.35 5.66
N LEU E 181 10.12 -24.52 5.36
CA LEU E 181 10.04 -23.19 5.92
C LEU E 181 8.58 -22.75 5.90
N SER E 182 8.15 -22.11 6.98
CA SER E 182 6.76 -21.72 7.12
C SER E 182 6.68 -20.38 7.83
N LEU E 183 5.57 -19.67 7.59
CA LEU E 183 5.35 -18.39 8.24
C LEU E 183 5.19 -18.54 9.75
N ASN E 184 4.54 -19.61 10.20
CA ASN E 184 4.25 -19.77 11.61
C ASN E 184 5.50 -19.79 12.47
N TYR E 185 6.65 -20.14 11.91
CA TYR E 185 7.89 -20.21 12.69
C TYR E 185 8.99 -19.54 11.85
N LEU E 186 9.38 -18.32 12.23
CA LEU E 186 10.39 -17.59 11.49
C LEU E 186 11.24 -16.78 12.44
N ALA E 187 12.48 -16.54 12.04
CA ALA E 187 13.41 -15.68 12.77
C ALA E 187 13.83 -14.55 11.84
N SER E 188 13.70 -13.32 12.31
CA SER E 188 14.01 -12.15 11.51
C SER E 188 15.46 -11.74 11.70
N TYR E 189 16.14 -11.43 10.61
CA TYR E 189 17.53 -11.01 10.63
C TYR E 189 17.70 -9.76 9.78
N ILE E 190 18.59 -8.88 10.22
CA ILE E 190 18.90 -7.64 9.52
C ILE E 190 20.42 -7.47 9.49
N GLU E 191 20.95 -7.15 8.31
CA GLU E 191 22.39 -6.96 8.18
C GLU E 191 22.69 -5.78 7.26
N PRO E 192 23.81 -5.09 7.48
CA PRO E 192 24.15 -3.97 6.61
C PRO E 192 24.38 -4.41 5.17
N GLN E 193 24.14 -3.48 4.24
CA GLN E 193 24.33 -3.73 2.82
C GLN E 193 25.24 -2.65 2.24
N PRO E 194 26.06 -2.96 1.25
CA PRO E 194 26.92 -1.93 0.66
C PRO E 194 26.11 -0.86 -0.04
N SER E 195 26.63 0.37 -0.01
CA SER E 195 25.98 1.50 -0.67
C SER E 195 27.04 2.53 -1.03
N THR E 196 26.71 3.37 -2.00
CA THR E 196 27.60 4.44 -2.45
C THR E 196 26.83 5.75 -2.49
N GLY E 197 27.46 6.82 -2.03
CA GLY E 197 26.78 8.09 -1.97
C GLY E 197 27.72 9.22 -1.60
N CYS E 198 27.11 10.38 -1.37
CA CYS E 198 27.83 11.60 -1.05
C CYS E 198 26.97 12.51 -0.20
N VAL E 199 27.61 13.54 0.36
CA VAL E 199 26.93 14.59 1.12
C VAL E 199 27.30 15.92 0.46
N LEU E 200 26.31 16.62 -0.07
CA LEU E 200 26.53 17.90 -0.73
C LEU E 200 26.26 19.08 0.18
N SER E 201 25.26 18.99 1.06
CA SER E 201 24.94 20.05 2.00
C SER E 201 24.76 19.46 3.39
N GLY E 202 25.12 20.25 4.39
CA GLY E 202 25.04 19.82 5.76
C GLY E 202 23.62 19.85 6.30
N PRO E 203 23.47 19.45 7.56
CA PRO E 203 22.13 19.41 8.16
C PRO E 203 21.49 20.78 8.27
N ASP E 204 20.37 20.98 7.58
CA ASP E 204 19.65 22.25 7.61
C ASP E 204 18.40 22.10 8.47
N HIS E 205 18.22 23.03 9.40
CA HIS E 205 17.06 23.02 10.29
C HIS E 205 15.79 23.51 9.62
N GLU E 206 15.89 24.02 8.39
CA GLU E 206 14.73 24.50 7.64
C GLU E 206 14.12 23.41 6.77
N GLN E 207 14.91 22.83 5.85
CA GLN E 207 14.45 21.73 5.03
C GLN E 207 15.67 20.98 4.51
N GLU E 208 15.56 19.66 4.42
CA GLU E 208 16.67 18.81 4.04
C GLU E 208 16.25 17.87 2.92
N VAL E 209 17.22 17.38 2.16
CA VAL E 209 16.96 16.52 1.02
C VAL E 209 17.87 15.30 1.12
N HIS E 210 17.31 14.15 1.47
CA HIS E 210 18.03 12.89 1.47
C HIS E 210 17.43 11.98 0.40
N ILE E 211 18.30 11.52 -0.49
CA ILE E 211 17.89 10.76 -1.67
C ILE E 211 18.36 9.32 -1.49
N ILE E 212 17.43 8.38 -1.67
CA ILE E 212 17.71 6.95 -1.57
C ILE E 212 17.44 6.33 -2.94
N GLU E 213 18.47 5.67 -3.47
CA GLU E 213 18.34 4.98 -4.76
C GLU E 213 18.37 3.47 -4.53
N LEU E 214 17.45 2.74 -5.13
CA LEU E 214 17.36 1.30 -4.98
C LEU E 214 17.38 0.66 -6.37
N GLN E 215 18.24 -0.34 -6.54
CA GLN E 215 18.35 -1.07 -7.80
C GLN E 215 17.44 -2.29 -7.81
N ALA E 216 17.63 -3.20 -6.86
CA ALA E 216 16.78 -4.37 -6.72
C ALA E 216 16.42 -4.57 -5.24
N PRO E 217 15.22 -5.05 -4.93
CA PRO E 217 14.88 -5.30 -3.53
C PRO E 217 15.40 -6.64 -3.03
N ASN E 218 16.32 -7.24 -3.77
CA ASN E 218 16.88 -8.55 -3.43
C ASN E 218 15.81 -9.64 -3.50
N SER E 219 14.94 -9.53 -4.51
CA SER E 219 13.89 -10.49 -4.75
C SER E 219 14.12 -11.16 -6.10
N SER E 220 14.08 -12.50 -6.11
CA SER E 220 14.26 -13.26 -7.34
C SER E 220 13.10 -13.12 -8.31
N SER E 221 11.91 -12.79 -7.81
CA SER E 221 10.75 -12.62 -8.66
C SER E 221 10.79 -11.23 -9.32
N ALA E 222 9.79 -10.93 -10.13
CA ALA E 222 9.71 -9.65 -10.84
C ALA E 222 8.46 -8.87 -10.43
N PHE E 223 8.16 -8.84 -9.13
CA PHE E 223 6.96 -8.19 -8.63
C PHE E 223 7.32 -7.07 -7.65
N GLN E 224 6.30 -6.47 -7.04
CA GLN E 224 6.51 -5.32 -6.17
C GLN E 224 6.53 -5.76 -4.72
N VAL E 225 7.61 -5.40 -4.02
CA VAL E 225 7.80 -5.76 -2.62
C VAL E 225 7.96 -4.46 -1.82
N ASP E 226 7.93 -4.60 -0.50
CA ASP E 226 7.94 -3.47 0.42
C ASP E 226 9.38 -3.09 0.74
N VAL E 227 9.66 -1.79 0.71
CA VAL E 227 10.94 -1.22 1.11
C VAL E 227 10.70 -0.34 2.32
N ILE E 228 11.22 -0.74 3.48
CA ILE E 228 10.95 -0.09 4.75
C ILE E 228 12.01 0.97 4.99
N VAL E 229 11.57 2.22 5.13
CA VAL E 229 12.47 3.34 5.43
C VAL E 229 12.11 3.88 6.81
N ASP E 230 13.07 3.82 7.72
CA ASP E 230 12.89 4.29 9.09
C ASP E 230 13.38 5.73 9.19
N LEU E 231 12.65 6.55 9.94
CA LEU E 231 13.01 7.94 10.17
C LEU E 231 12.88 8.25 11.65
N ARG E 232 14.01 8.33 12.34
CA ARG E 232 14.02 8.57 13.78
C ARG E 232 15.20 9.48 14.09
N PRO E 233 15.17 10.16 15.24
CA PRO E 233 16.28 11.07 15.58
C PRO E 233 17.60 10.32 15.61
N LEU E 234 18.65 11.02 15.15
CA LEU E 234 19.98 10.41 15.14
C LEU E 234 20.46 10.10 16.56
N ASP E 235 20.24 11.03 17.48
CA ASP E 235 20.70 10.87 18.85
C ASP E 235 19.57 11.23 19.81
N GLY E 236 19.38 10.38 20.81
CA GLY E 236 18.38 10.62 21.83
C GLY E 236 16.97 10.28 21.35
N ASP E 237 16.03 10.37 22.29
CA ASP E 237 14.62 10.14 22.02
C ASP E 237 13.82 11.43 21.94
N ILE E 238 14.48 12.58 21.95
CA ILE E 238 13.79 13.87 21.95
C ILE E 238 13.15 14.06 20.57
N PRO E 239 11.84 14.28 20.49
CA PRO E 239 11.24 14.56 19.18
C PRO E 239 11.84 15.80 18.55
N LEU E 240 11.98 15.77 17.22
CA LEU E 240 12.55 16.87 16.46
C LEU E 240 11.54 17.41 15.46
N HIS E 241 11.58 18.72 15.26
CA HIS E 241 10.77 19.39 14.26
C HIS E 241 11.67 19.71 13.07
N ARG E 242 11.64 18.86 12.06
CA ARG E 242 12.53 19.00 10.92
C ARG E 242 11.77 18.68 9.65
N ASP E 243 12.22 19.26 8.54
CA ASP E 243 11.68 19.01 7.22
C ASP E 243 12.74 18.35 6.35
N VAL E 244 12.37 17.24 5.72
CA VAL E 244 13.30 16.49 4.87
C VAL E 244 12.59 16.17 3.57
N VAL E 245 13.37 15.94 2.51
CA VAL E 245 12.84 15.55 1.21
C VAL E 245 13.42 14.19 0.85
N LEU E 246 12.55 13.25 0.48
CA LEU E 246 12.94 11.89 0.16
C LEU E 246 12.67 11.60 -1.30
N LEU E 247 13.75 11.48 -2.08
CA LEU E 247 13.66 11.06 -3.48
C LEU E 247 14.02 9.59 -3.54
N LEU E 248 13.00 8.74 -3.65
CA LEU E 248 13.18 7.30 -3.65
C LEU E 248 13.13 6.79 -5.08
N LYS E 249 14.22 6.14 -5.51
CA LYS E 249 14.34 5.62 -6.86
C LYS E 249 14.35 4.10 -6.82
N GLY E 250 13.44 3.48 -7.56
CA GLY E 250 13.42 2.04 -7.68
C GLY E 250 13.42 1.58 -9.13
N GLU E 251 14.50 0.91 -9.55
CA GLU E 251 14.58 0.45 -10.94
C GLU E 251 13.45 -0.52 -11.25
N LYS E 252 13.18 -1.45 -10.33
CA LYS E 252 12.06 -2.37 -10.44
C LYS E 252 10.85 -1.75 -9.74
N SER E 253 9.81 -2.56 -9.56
CA SER E 253 8.62 -2.12 -8.83
C SER E 253 8.85 -2.41 -7.35
N VAL E 254 8.78 -1.37 -6.53
CA VAL E 254 8.91 -1.49 -5.08
C VAL E 254 8.07 -0.40 -4.42
N ASN E 255 7.26 -0.81 -3.45
CA ASN E 255 6.40 0.11 -2.71
C ASN E 255 7.17 0.55 -1.47
N TRP E 256 7.33 1.85 -1.31
CA TRP E 256 8.11 2.38 -0.20
C TRP E 256 7.22 2.65 1.00
N VAL E 257 7.44 1.89 2.07
CA VAL E 257 6.73 2.10 3.34
C VAL E 257 7.65 2.89 4.25
N ILE E 258 7.22 4.11 4.60
CA ILE E 258 8.01 5.01 5.42
C ILE E 258 7.41 5.03 6.82
N LYS E 259 8.24 4.76 7.82
CA LYS E 259 7.82 4.79 9.22
C LYS E 259 8.73 5.80 9.94
N ALA E 260 8.14 6.89 10.41
CA ALA E 260 8.88 7.94 11.09
C ALA E 260 8.45 7.96 12.55
N HIS E 261 9.41 7.88 13.46
CA HIS E 261 9.15 7.88 14.89
C HIS E 261 9.93 9.03 15.54
N LYS E 262 9.24 9.79 16.40
CA LYS E 262 9.86 10.87 17.15
C LYS E 262 10.48 11.90 16.21
N VAL E 263 9.73 12.25 15.17
CA VAL E 263 10.13 13.28 14.22
C VAL E 263 8.91 14.11 13.86
N MET E 264 9.09 15.41 13.70
CA MET E 264 8.01 16.33 13.41
C MET E 264 8.43 17.27 12.29
N GLY E 265 7.43 17.83 11.61
CA GLY E 265 7.65 18.78 10.53
C GLY E 265 6.96 18.33 9.25
N LYS E 266 7.40 18.90 8.13
CA LYS E 266 6.85 18.59 6.82
C LYS E 266 7.85 17.79 6.00
N LEU E 267 7.36 16.72 5.37
CA LEU E 267 8.19 15.81 4.62
C LEU E 267 7.70 15.72 3.18
N GLU E 268 8.63 15.81 2.24
CA GLU E 268 8.33 15.74 0.82
C GLU E 268 8.91 14.46 0.25
N ILE E 269 8.05 13.66 -0.39
CA ILE E 269 8.46 12.38 -0.97
C ILE E 269 8.17 12.45 -2.46
N MET E 270 9.20 12.18 -3.28
CA MET E 270 9.07 12.13 -4.73
C MET E 270 9.65 10.80 -5.19
N THR E 271 8.83 10.00 -5.87
CA THR E 271 9.29 8.71 -6.37
C THR E 271 8.37 8.24 -7.49
N SER E 272 8.86 7.26 -8.24
CA SER E 272 8.11 6.67 -9.34
C SER E 272 7.29 5.46 -8.92
N ASP E 273 7.27 5.13 -7.63
CA ASP E 273 6.56 3.97 -7.12
C ASP E 273 5.61 4.39 -6.01
N THR E 274 4.60 3.57 -5.78
CA THR E 274 3.61 3.87 -4.74
C THR E 274 4.29 3.93 -3.38
N VAL E 275 3.79 4.83 -2.52
CA VAL E 275 4.36 5.06 -1.20
C VAL E 275 3.25 4.92 -0.17
N SER E 276 3.56 4.23 0.93
CA SER E 276 2.66 4.08 2.06
C SER E 276 3.34 4.63 3.31
N LEU E 277 2.54 5.19 4.21
CA LEU E 277 3.06 5.79 5.43
C LEU E 277 2.32 5.23 6.64
N SER E 278 3.08 4.81 7.65
CA SER E 278 2.48 4.33 8.88
C SER E 278 1.79 5.47 9.61
N GLU E 279 0.76 5.12 10.38
CA GLU E 279 0.00 6.14 11.12
C GLU E 279 0.92 6.96 12.00
N ASP E 280 2.00 6.36 12.51
CA ASP E 280 2.96 7.10 13.31
C ASP E 280 3.55 8.25 12.52
N THR E 281 3.95 8.00 11.27
CA THR E 281 4.45 9.07 10.42
C THR E 281 3.36 10.07 10.07
N GLU E 282 2.14 9.59 9.81
CA GLU E 282 1.06 10.49 9.41
C GLU E 282 0.74 11.50 10.51
N ARG E 283 0.60 11.03 11.74
CA ARG E 283 0.20 11.92 12.83
C ARG E 283 1.37 12.81 13.26
N LEU E 284 2.57 12.24 13.36
CA LEU E 284 3.70 13.01 13.85
C LEU E 284 4.14 14.07 12.84
N MET E 285 4.09 13.74 11.55
CA MET E 285 4.58 14.62 10.51
C MET E 285 3.53 14.83 9.43
N GLN E 286 3.67 15.93 8.70
CA GLN E 286 2.80 16.22 7.55
C GLN E 286 3.55 15.88 6.28
N VAL E 287 3.10 14.83 5.60
CA VAL E 287 3.77 14.36 4.39
C VAL E 287 2.92 14.74 3.18
N SER E 288 3.52 15.43 2.23
CA SER E 288 2.80 15.84 1.04
C SER E 288 2.45 14.64 0.16
N LYS E 289 1.29 14.71 -0.47
CA LYS E 289 0.86 13.64 -1.37
C LYS E 289 1.74 13.63 -2.61
N THR E 290 2.54 12.57 -2.71
CA THR E 290 3.49 12.39 -3.84
C THR E 290 2.77 12.21 -5.16
N VAL E 291 3.31 12.78 -6.23
CA VAL E 291 2.77 12.57 -7.57
C VAL E 291 3.64 11.55 -8.29
N LYS E 292 3.01 10.53 -8.86
CA LYS E 292 3.72 9.44 -9.52
C LYS E 292 4.29 9.97 -10.83
N GLN E 293 5.60 10.23 -10.84
CA GLN E 293 6.29 10.82 -11.98
C GLN E 293 7.34 9.84 -12.49
N LYS E 294 7.54 9.83 -13.81
CA LYS E 294 8.61 9.04 -14.41
C LYS E 294 9.92 9.77 -14.17
N LEU E 295 10.50 9.60 -12.98
CA LEU E 295 11.73 10.29 -12.64
C LEU E 295 12.88 9.78 -13.50
N PRO E 296 13.92 10.59 -13.68
CA PRO E 296 15.06 10.15 -14.49
C PRO E 296 15.80 8.98 -13.87
N ALA E 297 16.81 8.47 -14.57
CA ALA E 297 17.61 7.35 -14.11
C ALA E 297 19.03 7.81 -13.85
N GLY E 298 19.64 7.28 -12.80
CA GLY E 298 21.00 7.64 -12.43
C GLY E 298 21.01 8.67 -11.32
N SER E 299 22.08 8.63 -10.52
CA SER E 299 22.20 9.56 -9.40
C SER E 299 22.25 11.00 -9.87
N GLN E 300 23.11 11.29 -10.85
CA GLN E 300 23.29 12.67 -11.30
C GLN E 300 22.02 13.21 -11.96
N ALA E 301 21.35 12.38 -12.75
CA ALA E 301 20.14 12.84 -13.43
C ALA E 301 19.05 13.19 -12.41
N LEU E 302 18.85 12.34 -11.41
CA LEU E 302 17.86 12.64 -10.38
C LEU E 302 18.26 13.85 -9.56
N ILE E 303 19.55 14.00 -9.26
CA ILE E 303 20.01 15.17 -8.52
C ILE E 303 19.70 16.45 -9.29
N GLN E 304 20.01 16.45 -10.59
CA GLN E 304 19.73 17.62 -11.41
C GLN E 304 18.24 17.88 -11.51
N TRP E 305 17.43 16.82 -11.64
CA TRP E 305 15.99 17.00 -11.68
C TRP E 305 15.48 17.65 -10.39
N ALA E 306 15.98 17.18 -9.25
CA ALA E 306 15.58 17.78 -7.97
C ALA E 306 16.00 19.24 -7.90
N GLU E 307 17.24 19.54 -8.30
CA GLU E 307 17.70 20.92 -8.29
C GLU E 307 16.82 21.81 -9.17
N GLU E 308 16.26 21.24 -10.24
CA GLU E 308 15.34 21.97 -11.09
C GLU E 308 14.00 22.24 -10.44
N ASN E 309 13.67 21.51 -9.36
CA ASN E 309 12.42 21.70 -8.64
C ASN E 309 12.59 22.59 -7.41
N GLY E 310 13.79 23.11 -7.19
CA GLY E 310 14.04 23.99 -6.07
C GLY E 310 14.33 23.30 -4.75
N PHE E 311 14.28 21.97 -4.71
CA PHE E 311 14.57 21.22 -3.49
C PHE E 311 16.07 20.97 -3.40
N ASN E 312 16.80 22.07 -3.30
CA ASN E 312 18.26 22.08 -3.27
C ASN E 312 18.74 22.97 -2.15
N PRO E 313 19.96 22.76 -1.65
CA PRO E 313 20.94 21.73 -2.05
C PRO E 313 20.58 20.36 -1.50
N VAL E 314 21.15 19.30 -2.04
CA VAL E 314 20.87 17.93 -1.60
C VAL E 314 21.59 17.71 -0.28
N THR E 315 20.83 17.37 0.77
CA THR E 315 21.44 17.09 2.06
C THR E 315 22.37 15.87 1.97
N SER E 316 21.93 14.84 1.26
CA SER E 316 22.77 13.67 1.05
C SER E 316 22.11 12.77 0.02
N TYR E 317 22.94 12.04 -0.72
CA TYR E 317 22.49 11.05 -1.68
C TYR E 317 23.15 9.71 -1.35
N THR E 318 22.37 8.63 -1.47
CA THR E 318 22.87 7.30 -1.21
C THR E 318 22.17 6.31 -2.13
N ASN E 319 22.90 5.26 -2.53
CA ASN E 319 22.39 4.24 -3.43
C ASN E 319 22.76 2.88 -2.86
N THR E 320 21.76 2.01 -2.72
CA THR E 320 21.94 0.66 -2.22
C THR E 320 21.51 -0.34 -3.29
N PRO E 321 22.44 -1.03 -3.96
CA PRO E 321 22.02 -1.99 -5.00
C PRO E 321 21.06 -3.05 -4.48
N VAL E 322 21.40 -3.70 -3.37
CA VAL E 322 20.65 -4.83 -2.85
C VAL E 322 20.30 -4.56 -1.39
N ALA E 323 19.02 -4.39 -1.10
CA ALA E 323 18.53 -4.22 0.26
C ALA E 323 17.01 -4.11 0.21
N ASN E 324 16.39 -4.20 1.39
CA ASN E 324 14.94 -4.04 1.52
C ASN E 324 14.58 -3.26 2.77
N HIS E 325 15.55 -2.56 3.37
CA HIS E 325 15.31 -1.84 4.61
C HIS E 325 16.24 -0.64 4.65
N PHE E 326 15.72 0.51 5.07
CA PHE E 326 16.50 1.73 5.18
C PHE E 326 16.20 2.41 6.51
N ASN E 327 17.23 3.02 7.09
CA ASN E 327 17.12 3.80 8.31
C ASN E 327 17.58 5.22 8.04
N LEU E 328 16.74 6.19 8.41
CA LEU E 328 17.04 7.60 8.23
C LEU E 328 17.18 8.23 9.60
N ARG E 329 18.30 8.91 9.83
CA ARG E 329 18.61 9.52 11.11
C ARG E 329 18.79 11.02 10.94
N LEU E 330 18.17 11.80 11.81
CA LEU E 330 18.20 13.25 11.73
C LEU E 330 19.20 13.81 12.74
N ARG E 331 20.15 14.59 12.25
CA ARG E 331 21.12 15.24 13.12
C ARG E 331 20.44 16.30 13.97
N GLU E 332 20.84 16.38 15.23
CA GLU E 332 20.26 17.33 16.17
C GLU E 332 20.43 18.76 15.66
#